data_2LUT
#
_entry.id   2LUT
#
_entity_poly.entity_id   1
_entity_poly.type   'polypeptide(L)'
_entity_poly.pdbx_seq_one_letter_code
;GSKNKKEKNKGGKGGADCAEWLYGSCVANNGDCGQGMREGTCNEQTRKVKCRVPCNWKKEFGADCKYKFGNWGECDAATS
TKSRTGTLQKALFNVECQQTVSVTKPCTTKVKNKPKGKKGKGKGN
;
_entity_poly.pdbx_strand_id   A
#
# COMPACT_ATOMS: atom_id res chain seq x y z
N GLY A 1 -3.72 73.08 -73.79
CA GLY A 1 -4.49 71.98 -73.25
C GLY A 1 -4.30 70.70 -74.02
N SER A 2 -3.70 69.70 -73.38
CA SER A 2 -3.45 68.42 -74.02
C SER A 2 -4.28 67.32 -73.37
N LYS A 3 -5.23 66.77 -74.13
CA LYS A 3 -6.09 65.71 -73.63
C LYS A 3 -5.51 64.33 -73.97
N ASN A 4 -6.05 63.29 -73.33
CA ASN A 4 -5.59 61.93 -73.57
C ASN A 4 -6.53 60.92 -72.91
N LYS A 5 -6.22 59.64 -73.08
CA LYS A 5 -7.02 58.57 -72.51
C LYS A 5 -6.23 57.28 -72.42
N LYS A 6 -6.10 56.75 -71.21
CA LYS A 6 -5.37 55.50 -71.00
C LYS A 6 -5.55 55.01 -69.56
N GLU A 7 -6.39 54.00 -69.39
CA GLU A 7 -6.65 53.44 -68.07
C GLU A 7 -6.38 51.94 -68.06
N LYS A 8 -6.01 51.41 -66.90
CA LYS A 8 -5.72 50.00 -66.74
C LYS A 8 -5.94 49.55 -65.31
N ASN A 9 -6.19 48.25 -65.13
CA ASN A 9 -6.42 47.69 -63.80
C ASN A 9 -6.62 46.18 -63.87
N LYS A 10 -5.58 45.48 -64.30
CA LYS A 10 -5.63 44.03 -64.41
C LYS A 10 -5.30 43.37 -63.07
N GLY A 11 -5.91 42.20 -62.83
CA GLY A 11 -5.67 41.49 -61.59
C GLY A 11 -6.95 40.99 -60.95
N GLY A 12 -6.82 40.10 -59.97
CA GLY A 12 -7.99 39.57 -59.30
C GLY A 12 -7.93 38.06 -59.15
N LYS A 13 -7.75 37.59 -57.92
CA LYS A 13 -7.68 36.16 -57.65
C LYS A 13 -7.70 35.89 -56.14
N GLY A 14 -8.24 34.74 -55.76
CA GLY A 14 -8.30 34.38 -54.36
C GLY A 14 -8.92 33.01 -54.13
N GLY A 15 -8.49 32.34 -53.07
CA GLY A 15 -9.02 31.02 -52.77
C GLY A 15 -7.94 30.07 -52.29
N ALA A 16 -7.79 28.94 -52.98
CA ALA A 16 -6.79 27.95 -52.62
C ALA A 16 -7.08 27.35 -51.24
N ASP A 17 -6.37 26.28 -50.91
CA ASP A 17 -6.56 25.62 -49.62
C ASP A 17 -6.15 26.54 -48.47
N CYS A 18 -6.29 26.04 -47.24
CA CYS A 18 -5.94 26.81 -46.06
C CYS A 18 -4.43 26.90 -45.90
N ALA A 19 -3.71 26.06 -46.63
CA ALA A 19 -2.25 26.05 -46.57
C ALA A 19 -1.76 25.62 -45.20
N GLU A 20 -1.17 24.43 -45.14
CA GLU A 20 -0.67 23.89 -43.88
C GLU A 20 -1.78 23.77 -42.85
N TRP A 21 -2.59 22.73 -42.99
CA TRP A 21 -3.71 22.50 -42.07
C TRP A 21 -3.19 22.14 -40.68
N LEU A 22 -3.75 22.79 -39.66
CA LEU A 22 -3.35 22.54 -38.29
C LEU A 22 -4.43 21.77 -37.53
N TYR A 23 -4.06 20.62 -36.98
CA TYR A 23 -5.00 19.79 -36.24
C TYR A 23 -4.37 19.24 -34.97
N GLY A 24 -5.20 18.71 -34.08
CA GLY A 24 -4.69 18.17 -32.83
C GLY A 24 -5.62 17.13 -32.23
N SER A 25 -6.91 17.45 -32.18
CA SER A 25 -7.90 16.55 -31.63
C SER A 25 -8.06 15.31 -32.50
N CYS A 26 -7.95 14.14 -31.88
CA CYS A 26 -8.07 12.87 -32.60
C CYS A 26 -9.33 12.13 -32.18
N VAL A 27 -10.05 11.59 -33.16
CA VAL A 27 -11.28 10.85 -32.90
C VAL A 27 -11.08 9.36 -33.13
N ALA A 28 -11.48 8.56 -32.13
CA ALA A 28 -11.35 7.11 -32.22
C ALA A 28 -12.56 6.49 -32.91
N ASN A 29 -12.31 5.63 -33.89
CA ASN A 29 -13.38 4.97 -34.63
C ASN A 29 -13.88 3.74 -33.87
N ASN A 30 -12.94 2.96 -33.33
CA ASN A 30 -13.28 1.75 -32.59
C ASN A 30 -14.17 2.08 -31.39
N GLY A 31 -13.94 3.25 -30.80
CA GLY A 31 -14.72 3.66 -29.64
C GLY A 31 -13.86 4.22 -28.53
N ASP A 32 -13.05 3.36 -27.92
CA ASP A 32 -12.18 3.77 -26.83
C ASP A 32 -10.87 4.36 -27.37
N CYS A 33 -10.10 3.53 -28.06
CA CYS A 33 -8.83 3.97 -28.63
C CYS A 33 -8.44 3.10 -29.83
N GLY A 34 -7.73 3.71 -30.78
CA GLY A 34 -7.32 2.98 -31.96
C GLY A 34 -7.27 3.85 -33.20
N GLN A 35 -6.94 3.26 -34.34
CA GLN A 35 -6.87 4.00 -35.59
C GLN A 35 -8.24 4.49 -36.02
N GLY A 36 -8.40 5.82 -36.09
CA GLY A 36 -9.66 6.40 -36.48
C GLY A 36 -9.49 7.63 -37.35
N MET A 37 -10.46 8.54 -37.28
CA MET A 37 -10.41 9.76 -38.06
C MET A 37 -10.15 10.97 -37.17
N ARG A 38 -9.83 12.11 -37.79
CA ARG A 38 -9.56 13.33 -37.06
C ARG A 38 -10.07 14.55 -37.81
N GLU A 39 -10.68 15.49 -37.09
CA GLU A 39 -11.20 16.70 -37.70
C GLU A 39 -10.40 17.93 -37.26
N GLY A 40 -9.75 18.58 -38.22
CA GLY A 40 -8.96 19.76 -37.92
C GLY A 40 -9.59 21.03 -38.43
N THR A 41 -9.29 22.14 -37.77
CA THR A 41 -9.83 23.43 -38.16
C THR A 41 -8.73 24.44 -38.47
N CYS A 42 -8.91 25.21 -39.54
CA CYS A 42 -7.91 26.20 -39.95
C CYS A 42 -8.59 27.49 -40.38
N ASN A 43 -8.36 28.56 -39.60
CA ASN A 43 -8.96 29.85 -39.90
C ASN A 43 -10.47 29.83 -39.70
N GLU A 44 -11.19 29.24 -40.65
CA GLU A 44 -12.63 29.14 -40.57
C GLU A 44 -13.15 27.98 -41.40
N GLN A 45 -12.32 26.95 -41.56
CA GLN A 45 -12.69 25.77 -42.34
C GLN A 45 -12.34 24.49 -41.60
N THR A 46 -12.89 23.38 -42.05
CA THR A 46 -12.63 22.08 -41.42
C THR A 46 -11.89 21.16 -42.38
N ARG A 47 -11.23 20.15 -41.82
CA ARG A 47 -10.47 19.19 -42.62
C ARG A 47 -10.49 17.80 -41.97
N LYS A 48 -10.22 16.78 -42.77
CA LYS A 48 -10.20 15.41 -42.27
C LYS A 48 -8.84 14.77 -42.47
N VAL A 49 -8.36 14.04 -41.48
CA VAL A 49 -7.06 13.37 -41.55
C VAL A 49 -7.05 12.11 -40.71
N LYS A 50 -6.31 11.11 -41.16
CA LYS A 50 -6.20 9.84 -40.45
C LYS A 50 -5.09 9.89 -39.40
N CYS A 51 -5.43 9.56 -38.17
CA CYS A 51 -4.47 9.57 -37.08
C CYS A 51 -4.69 8.39 -36.14
N ARG A 52 -3.77 8.20 -35.20
CA ARG A 52 -3.87 7.10 -34.24
C ARG A 52 -4.29 7.62 -32.87
N VAL A 53 -5.25 6.94 -32.25
CA VAL A 53 -5.74 7.33 -30.94
C VAL A 53 -5.38 6.29 -29.88
N PRO A 54 -4.10 6.30 -29.47
CA PRO A 54 -3.59 5.36 -28.46
C PRO A 54 -4.15 5.65 -27.07
N CYS A 55 -4.35 4.60 -26.28
CA CYS A 55 -4.86 4.75 -24.93
C CYS A 55 -3.75 5.08 -23.94
N ASN A 56 -3.86 6.24 -23.30
CA ASN A 56 -2.85 6.68 -22.34
C ASN A 56 -3.20 8.06 -21.79
N TRP A 57 -4.50 8.32 -21.63
CA TRP A 57 -4.96 9.60 -21.11
C TRP A 57 -4.99 9.58 -19.58
N LYS A 58 -5.87 8.75 -19.03
CA LYS A 58 -6.00 8.63 -17.58
C LYS A 58 -5.10 7.54 -17.03
N LYS A 59 -4.67 7.70 -15.79
CA LYS A 59 -3.79 6.72 -15.14
C LYS A 59 -3.67 7.00 -13.65
N GLU A 60 -2.88 6.18 -12.97
CA GLU A 60 -2.67 6.34 -11.53
C GLU A 60 -1.52 5.47 -11.05
N PHE A 61 -1.77 4.17 -10.95
CA PHE A 61 -0.75 3.22 -10.49
C PHE A 61 -1.24 1.79 -10.64
N GLY A 62 -0.40 0.84 -10.24
CA GLY A 62 -0.76 -0.57 -10.35
C GLY A 62 -0.45 -1.33 -9.07
N ALA A 63 -1.26 -2.33 -8.77
CA ALA A 63 -1.06 -3.16 -7.59
C ALA A 63 -0.59 -4.56 -7.96
N ASP A 64 -0.56 -5.44 -6.97
CA ASP A 64 -0.14 -6.82 -7.19
C ASP A 64 -0.71 -7.76 -6.14
N CYS A 65 -0.24 -7.62 -4.90
CA CYS A 65 -0.71 -8.45 -3.80
C CYS A 65 -1.02 -7.59 -2.58
N LYS A 66 -2.18 -7.83 -1.97
CA LYS A 66 -2.59 -7.09 -0.79
C LYS A 66 -2.51 -7.97 0.46
N TYR A 67 -2.09 -7.37 1.56
CA TYR A 67 -1.97 -8.10 2.83
C TYR A 67 -2.52 -7.28 3.98
N LYS A 68 -2.64 -7.91 5.15
CA LYS A 68 -3.16 -7.25 6.34
C LYS A 68 -2.04 -7.01 7.36
N PHE A 69 -1.51 -5.79 7.37
CA PHE A 69 -0.44 -5.44 8.29
C PHE A 69 -1.01 -4.89 9.60
N GLY A 70 -0.51 -5.41 10.72
CA GLY A 70 -0.98 -4.98 12.02
C GLY A 70 -0.15 -3.84 12.58
N ASN A 71 0.85 -4.19 13.40
CA ASN A 71 1.71 -3.18 14.01
C ASN A 71 3.18 -3.54 13.79
N TRP A 72 3.92 -2.61 13.19
CA TRP A 72 5.34 -2.83 12.93
C TRP A 72 6.06 -3.29 14.19
N GLY A 73 6.84 -4.36 14.07
CA GLY A 73 7.57 -4.87 15.20
C GLY A 73 8.57 -3.87 15.76
N GLU A 74 9.47 -4.34 16.60
CA GLU A 74 10.49 -3.48 17.21
C GLU A 74 11.62 -3.22 16.23
N CYS A 75 12.02 -1.95 16.11
CA CYS A 75 13.10 -1.57 15.20
C CYS A 75 14.46 -1.78 15.86
N ASP A 76 15.39 -2.34 15.11
CA ASP A 76 16.74 -2.60 15.61
C ASP A 76 17.71 -1.52 15.15
N ALA A 77 18.04 -0.60 16.04
CA ALA A 77 18.96 0.50 15.72
C ALA A 77 20.29 -0.05 15.22
N ALA A 78 20.59 -1.30 15.57
CA ALA A 78 21.83 -1.93 15.16
C ALA A 78 21.85 -2.16 13.65
N THR A 79 20.67 -2.21 13.05
CA THR A 79 20.56 -2.42 11.60
C THR A 79 19.73 -1.33 10.95
N SER A 80 19.20 -0.43 11.76
CA SER A 80 18.39 0.68 11.27
C SER A 80 17.29 0.17 10.34
N THR A 81 16.74 -0.99 10.67
CA THR A 81 15.68 -1.60 9.86
C THR A 81 14.74 -2.44 10.72
N LYS A 82 13.45 -2.37 10.41
CA LYS A 82 12.45 -3.13 11.16
C LYS A 82 11.89 -4.27 10.31
N SER A 83 11.34 -5.27 10.98
CA SER A 83 10.78 -6.43 10.29
C SER A 83 9.36 -6.72 10.79
N ARG A 84 8.52 -7.26 9.90
CA ARG A 84 7.16 -7.59 10.25
C ARG A 84 6.61 -8.69 9.35
N THR A 85 5.42 -9.20 9.68
CA THR A 85 4.80 -10.26 8.91
C THR A 85 3.34 -9.94 8.60
N GLY A 86 2.99 -10.01 7.32
CA GLY A 86 1.62 -9.72 6.92
C GLY A 86 0.90 -10.94 6.40
N THR A 87 -0.36 -11.10 6.79
CA THR A 87 -1.16 -12.24 6.37
C THR A 87 -1.96 -11.91 5.11
N LEU A 88 -1.92 -12.81 4.14
CA LEU A 88 -2.64 -12.62 2.89
C LEU A 88 -4.14 -12.49 3.13
N GLN A 89 -4.71 -11.36 2.73
CA GLN A 89 -6.13 -11.12 2.91
C GLN A 89 -6.94 -11.82 1.83
N LYS A 90 -6.92 -11.28 0.62
CA LYS A 90 -7.64 -11.86 -0.50
C LYS A 90 -6.86 -11.69 -1.80
N ALA A 91 -7.19 -12.52 -2.79
CA ALA A 91 -6.52 -12.46 -4.09
C ALA A 91 -7.34 -11.63 -5.08
N LEU A 92 -6.76 -10.52 -5.53
CA LEU A 92 -7.43 -9.65 -6.48
C LEU A 92 -6.91 -9.89 -7.90
N PHE A 93 -5.68 -10.37 -7.99
CA PHE A 93 -5.08 -10.65 -9.29
C PHE A 93 -4.85 -12.15 -9.49
N ASN A 94 -5.00 -12.90 -8.41
CA ASN A 94 -4.83 -14.35 -8.45
C ASN A 94 -3.39 -14.72 -8.83
N VAL A 95 -2.48 -13.78 -8.60
CA VAL A 95 -1.07 -13.99 -8.91
C VAL A 95 -0.43 -14.95 -7.91
N GLU A 96 0.87 -15.17 -8.06
CA GLU A 96 1.61 -16.06 -7.17
C GLU A 96 1.97 -15.35 -5.87
N CYS A 97 1.38 -15.80 -4.77
CA CYS A 97 1.64 -15.21 -3.46
C CYS A 97 1.50 -16.26 -2.35
N GLN A 98 2.33 -16.14 -1.33
CA GLN A 98 2.30 -17.08 -0.21
C GLN A 98 1.30 -16.62 0.85
N GLN A 99 0.77 -17.58 1.60
CA GLN A 99 -0.20 -17.28 2.64
C GLN A 99 0.32 -16.17 3.56
N THR A 100 1.61 -16.22 3.86
CA THR A 100 2.23 -15.22 4.73
C THR A 100 3.52 -14.68 4.13
N VAL A 101 3.83 -13.42 4.42
CA VAL A 101 5.03 -12.80 3.90
C VAL A 101 5.58 -11.76 4.87
N SER A 102 6.89 -11.62 4.92
CA SER A 102 7.54 -10.67 5.82
C SER A 102 7.80 -9.34 5.11
N VAL A 103 7.95 -8.27 5.89
CA VAL A 103 8.20 -6.95 5.34
C VAL A 103 9.36 -6.27 6.07
N THR A 104 9.86 -5.19 5.47
CA THR A 104 10.96 -4.43 6.06
C THR A 104 10.74 -2.93 5.91
N LYS A 105 11.28 -2.17 6.86
CA LYS A 105 11.14 -0.72 6.85
C LYS A 105 12.35 -0.05 7.48
N PRO A 106 12.79 1.08 6.88
CA PRO A 106 13.94 1.84 7.38
C PRO A 106 13.66 2.53 8.70
N CYS A 107 13.62 1.75 9.78
CA CYS A 107 13.37 2.28 11.11
C CYS A 107 14.53 2.00 12.05
N THR A 108 14.82 2.95 12.94
CA THR A 108 15.90 2.79 13.89
C THR A 108 15.49 3.28 15.28
N THR A 109 16.00 2.61 16.31
CA THR A 109 15.68 2.97 17.69
C THR A 109 16.46 2.11 18.68
N LYS A 110 16.82 2.70 19.80
CA LYS A 110 17.56 1.99 20.84
C LYS A 110 17.19 2.48 22.23
N VAL A 111 17.75 1.85 23.26
CA VAL A 111 17.47 2.23 24.63
C VAL A 111 15.97 2.31 24.90
N LYS A 112 15.39 1.17 25.28
CA LYS A 112 13.96 1.11 25.57
C LYS A 112 13.58 2.09 26.67
N ASN A 113 12.28 2.36 26.79
CA ASN A 113 11.79 3.28 27.81
C ASN A 113 11.51 2.55 29.12
N LYS A 114 12.56 2.05 29.74
CA LYS A 114 12.42 1.32 31.00
C LYS A 114 12.74 2.23 32.19
N PRO A 115 12.27 1.82 33.38
CA PRO A 115 12.49 2.60 34.61
C PRO A 115 13.94 2.57 35.06
N LYS A 116 14.51 3.75 35.29
CA LYS A 116 15.90 3.87 35.72
C LYS A 116 16.10 5.13 36.55
N GLY A 117 17.05 5.07 37.48
CA GLY A 117 17.34 6.21 38.32
C GLY A 117 16.87 6.02 39.75
N LYS A 118 17.71 6.40 40.70
CA LYS A 118 17.37 6.26 42.12
C LYS A 118 17.86 7.46 42.92
N LYS A 119 17.02 8.48 43.03
CA LYS A 119 17.37 9.68 43.77
C LYS A 119 18.66 10.30 43.24
N GLY A 120 18.86 10.18 41.92
CA GLY A 120 20.06 10.73 41.31
C GLY A 120 21.29 9.87 41.56
N LYS A 121 21.23 8.61 41.13
CA LYS A 121 22.33 7.69 41.30
C LYS A 121 22.76 7.63 42.76
N GLY A 122 21.79 7.70 43.66
CA GLY A 122 22.10 7.66 45.09
C GLY A 122 22.91 8.85 45.55
N LYS A 123 23.50 8.73 46.72
CA LYS A 123 24.32 9.81 47.29
C LYS A 123 25.77 9.69 46.83
N GLY A 124 26.59 10.64 47.25
CA GLY A 124 27.99 10.62 46.87
C GLY A 124 28.72 11.89 47.28
N ASN A 125 30.03 11.77 47.51
CA ASN A 125 30.83 12.92 47.91
C ASN A 125 30.30 13.53 49.21
N GLY A 1 -63.69 -9.93 -78.35
CA GLY A 1 -62.63 -10.91 -78.43
C GLY A 1 -61.31 -10.39 -77.90
N SER A 2 -60.65 -11.18 -77.06
CA SER A 2 -59.37 -10.79 -76.49
C SER A 2 -58.61 -12.00 -75.96
N LYS A 3 -59.22 -12.70 -75.00
CA LYS A 3 -58.60 -13.88 -74.41
C LYS A 3 -57.27 -13.53 -73.76
N ASN A 4 -57.33 -13.05 -72.52
CA ASN A 4 -56.14 -12.68 -71.77
C ASN A 4 -56.40 -12.68 -70.27
N LYS A 5 -55.37 -12.99 -69.50
CA LYS A 5 -55.48 -13.04 -68.04
C LYS A 5 -54.12 -12.87 -67.38
N LYS A 6 -54.13 -12.53 -66.10
CA LYS A 6 -52.88 -12.35 -65.35
C LYS A 6 -53.15 -12.40 -63.85
N GLU A 7 -52.08 -12.59 -63.08
CA GLU A 7 -52.19 -12.67 -61.63
C GLU A 7 -50.82 -12.87 -60.99
N LYS A 8 -50.65 -12.31 -59.79
CA LYS A 8 -49.39 -12.42 -59.07
C LYS A 8 -49.47 -11.73 -57.72
N ASN A 9 -48.37 -11.77 -56.97
CA ASN A 9 -48.32 -11.14 -55.65
C ASN A 9 -46.90 -10.70 -55.31
N LYS A 10 -46.70 -10.31 -54.05
CA LYS A 10 -45.39 -9.88 -53.60
C LYS A 10 -45.31 -9.90 -52.07
N GLY A 11 -46.15 -9.07 -51.43
CA GLY A 11 -46.16 -9.01 -49.99
C GLY A 11 -45.61 -7.69 -49.46
N GLY A 12 -45.15 -7.71 -48.21
CA GLY A 12 -44.61 -6.50 -47.61
C GLY A 12 -43.53 -6.79 -46.60
N LYS A 13 -43.30 -5.86 -45.68
CA LYS A 13 -42.29 -6.03 -44.65
C LYS A 13 -42.36 -4.89 -43.63
N GLY A 14 -41.47 -4.93 -42.64
CA GLY A 14 -41.45 -3.90 -41.62
C GLY A 14 -40.37 -4.14 -40.58
N GLY A 15 -40.75 -4.08 -39.31
CA GLY A 15 -39.79 -4.29 -38.24
C GLY A 15 -40.37 -5.13 -37.11
N ALA A 16 -41.28 -4.53 -36.34
CA ALA A 16 -41.91 -5.23 -35.22
C ALA A 16 -40.91 -5.46 -34.10
N ASP A 17 -40.05 -6.47 -34.28
CA ASP A 17 -39.04 -6.79 -33.27
C ASP A 17 -37.83 -7.47 -33.93
N CYS A 18 -36.90 -7.92 -33.10
CA CYS A 18 -35.69 -8.58 -33.58
C CYS A 18 -35.43 -9.87 -32.82
N ALA A 19 -35.41 -10.98 -33.56
CA ALA A 19 -35.16 -12.29 -32.96
C ALA A 19 -33.85 -12.31 -32.18
N GLU A 20 -32.94 -11.41 -32.55
CA GLU A 20 -31.65 -11.32 -31.89
C GLU A 20 -31.20 -9.87 -31.75
N TRP A 21 -31.70 -9.20 -30.73
CA TRP A 21 -31.35 -7.80 -30.49
C TRP A 21 -29.86 -7.65 -30.21
N LEU A 22 -29.20 -6.78 -30.97
CA LEU A 22 -27.77 -6.55 -30.81
C LEU A 22 -27.52 -5.19 -30.15
N TYR A 23 -27.11 -5.22 -28.89
CA TYR A 23 -26.83 -4.00 -28.15
C TYR A 23 -25.49 -4.09 -27.43
N GLY A 24 -24.98 -2.94 -26.99
CA GLY A 24 -23.71 -2.91 -26.30
C GLY A 24 -23.50 -1.62 -25.52
N SER A 25 -23.79 -0.49 -26.16
CA SER A 25 -23.63 0.81 -25.53
C SER A 25 -24.62 0.99 -24.38
N CYS A 26 -24.10 1.35 -23.21
CA CYS A 26 -24.95 1.56 -22.04
C CYS A 26 -25.00 3.03 -21.65
N VAL A 27 -26.18 3.50 -21.29
CA VAL A 27 -26.36 4.89 -20.89
C VAL A 27 -26.60 5.01 -19.39
N ALA A 28 -25.77 5.82 -18.73
CA ALA A 28 -25.89 6.02 -17.29
C ALA A 28 -26.86 7.14 -16.97
N ASN A 29 -27.50 7.07 -15.81
CA ASN A 29 -28.46 8.09 -15.40
C ASN A 29 -28.22 8.49 -13.94
N ASN A 30 -26.98 8.86 -13.63
CA ASN A 30 -26.62 9.27 -12.28
C ASN A 30 -25.37 10.15 -12.30
N GLY A 31 -25.22 10.95 -13.34
CA GLY A 31 -24.08 11.83 -13.46
C GLY A 31 -23.18 11.45 -14.62
N ASP A 32 -22.41 10.39 -14.44
CA ASP A 32 -21.49 9.92 -15.48
C ASP A 32 -21.57 8.40 -15.64
N CYS A 33 -21.38 7.69 -14.53
CA CYS A 33 -21.43 6.23 -14.54
C CYS A 33 -22.32 5.70 -13.42
N GLY A 34 -22.94 4.56 -13.66
CA GLY A 34 -23.82 3.97 -12.65
C GLY A 34 -24.97 3.19 -13.27
N GLN A 35 -25.68 2.44 -12.44
CA GLN A 35 -26.80 1.65 -12.91
C GLN A 35 -27.75 2.49 -13.76
N GLY A 36 -28.22 1.91 -14.87
CA GLY A 36 -29.12 2.63 -15.75
C GLY A 36 -29.79 1.71 -16.76
N MET A 37 -29.78 2.11 -18.02
CA MET A 37 -30.40 1.32 -19.08
C MET A 37 -29.58 1.42 -20.37
N ARG A 38 -29.98 0.65 -21.37
CA ARG A 38 -29.29 0.64 -22.66
C ARG A 38 -30.28 0.54 -23.81
N GLU A 39 -29.97 1.21 -24.91
CA GLU A 39 -30.84 1.19 -26.08
C GLU A 39 -30.17 0.48 -27.25
N GLY A 40 -30.76 -0.63 -27.68
CA GLY A 40 -30.20 -1.40 -28.78
C GLY A 40 -30.94 -1.15 -30.08
N THR A 41 -30.20 -1.19 -31.20
CA THR A 41 -30.79 -0.96 -32.51
C THR A 41 -30.54 -2.16 -33.43
N CYS A 42 -31.62 -2.66 -34.02
CA CYS A 42 -31.53 -3.81 -34.93
C CYS A 42 -32.14 -3.47 -36.29
N ASN A 43 -31.29 -3.38 -37.30
CA ASN A 43 -31.74 -3.08 -38.66
C ASN A 43 -32.34 -1.67 -38.72
N GLU A 44 -33.61 -1.55 -38.34
CA GLU A 44 -34.29 -0.26 -38.36
C GLU A 44 -35.27 -0.16 -37.19
N GLN A 45 -34.93 -0.79 -36.07
CA GLN A 45 -35.78 -0.78 -34.89
C GLN A 45 -34.97 -0.50 -33.64
N THR A 46 -35.66 -0.16 -32.55
CA THR A 46 -35.00 0.13 -31.29
C THR A 46 -35.46 -0.82 -30.19
N ARG A 47 -34.65 -0.93 -29.14
CA ARG A 47 -34.98 -1.81 -28.02
C ARG A 47 -34.48 -1.22 -26.70
N LYS A 48 -35.05 -1.71 -25.60
CA LYS A 48 -34.66 -1.23 -24.27
C LYS A 48 -34.21 -2.40 -23.39
N VAL A 49 -33.19 -2.16 -22.59
CA VAL A 49 -32.67 -3.18 -21.69
C VAL A 49 -32.06 -2.57 -20.43
N LYS A 50 -32.23 -3.23 -19.30
CA LYS A 50 -31.69 -2.76 -18.04
C LYS A 50 -30.23 -3.16 -17.88
N CYS A 51 -29.35 -2.15 -17.79
CA CYS A 51 -27.92 -2.41 -17.63
C CYS A 51 -27.30 -1.39 -16.68
N ARG A 52 -26.04 -1.62 -16.33
CA ARG A 52 -25.33 -0.73 -15.43
C ARG A 52 -23.95 -0.36 -15.99
N VAL A 53 -23.55 0.90 -15.79
CA VAL A 53 -22.26 1.38 -16.28
C VAL A 53 -21.28 1.57 -15.14
N PRO A 54 -20.51 0.53 -14.84
CA PRO A 54 -19.51 0.57 -13.76
C PRO A 54 -18.33 1.48 -14.09
N CYS A 55 -17.86 2.22 -13.10
CA CYS A 55 -16.73 3.14 -13.29
C CYS A 55 -15.40 2.39 -13.17
N ASN A 56 -14.40 2.86 -13.90
CA ASN A 56 -13.08 2.24 -13.87
C ASN A 56 -13.14 0.81 -14.39
N TRP A 57 -13.52 0.66 -15.66
CA TRP A 57 -13.62 -0.66 -16.27
C TRP A 57 -12.32 -1.45 -16.08
N LYS A 58 -11.20 -0.76 -16.22
CA LYS A 58 -9.89 -1.39 -16.06
C LYS A 58 -9.78 -2.06 -14.69
N LYS A 59 -8.65 -2.73 -14.47
CA LYS A 59 -8.41 -3.41 -13.20
C LYS A 59 -6.99 -3.94 -13.13
N GLU A 60 -6.69 -4.70 -12.08
CA GLU A 60 -5.36 -5.26 -11.89
C GLU A 60 -4.32 -4.16 -11.72
N PHE A 61 -3.04 -4.54 -11.75
CA PHE A 61 -1.95 -3.59 -11.60
C PHE A 61 -2.01 -2.93 -10.22
N GLY A 62 -1.11 -3.36 -9.33
CA GLY A 62 -1.05 -2.80 -7.99
C GLY A 62 0.02 -3.43 -7.14
N ALA A 63 1.28 -3.13 -7.47
CA ALA A 63 2.41 -3.67 -6.73
C ALA A 63 2.56 -5.17 -6.96
N ASP A 64 1.72 -5.94 -6.30
CA ASP A 64 1.75 -7.40 -6.43
C ASP A 64 0.59 -8.04 -5.68
N CYS A 65 0.66 -8.01 -4.36
CA CYS A 65 -0.38 -8.60 -3.52
C CYS A 65 -0.55 -7.80 -2.23
N LYS A 66 -1.81 -7.50 -1.89
CA LYS A 66 -2.10 -6.74 -0.68
C LYS A 66 -2.09 -7.65 0.55
N TYR A 67 -1.65 -7.11 1.68
CA TYR A 67 -1.58 -7.86 2.92
C TYR A 67 -2.04 -7.02 4.10
N LYS A 68 -2.19 -7.66 5.26
CA LYS A 68 -2.62 -6.96 6.46
C LYS A 68 -1.51 -6.94 7.50
N PHE A 69 -0.79 -5.81 7.58
CA PHE A 69 0.30 -5.67 8.53
C PHE A 69 -0.20 -5.12 9.86
N GLY A 70 0.20 -5.77 10.95
CA GLY A 70 -0.23 -5.33 12.27
C GLY A 70 0.07 -3.86 12.52
N ASN A 71 1.31 -3.58 12.93
CA ASN A 71 1.72 -2.20 13.20
C ASN A 71 3.23 -2.09 13.24
N TRP A 72 3.91 -2.93 12.48
CA TRP A 72 5.37 -2.93 12.43
C TRP A 72 5.96 -3.36 13.77
N GLY A 73 6.76 -4.42 13.75
CA GLY A 73 7.38 -4.90 14.98
C GLY A 73 8.32 -3.89 15.58
N GLU A 74 9.23 -4.36 16.43
CA GLU A 74 10.19 -3.49 17.10
C GLU A 74 11.35 -3.15 16.16
N CYS A 75 11.70 -1.87 16.12
CA CYS A 75 12.80 -1.41 15.26
C CYS A 75 14.14 -1.62 15.94
N ASP A 76 15.05 -2.30 15.24
CA ASP A 76 16.38 -2.58 15.78
C ASP A 76 17.38 -1.50 15.34
N ALA A 77 17.71 -0.61 16.27
CA ALA A 77 18.65 0.47 15.97
C ALA A 77 20.00 -0.08 15.52
N ALA A 78 20.26 -1.34 15.86
CA ALA A 78 21.51 -1.99 15.48
C ALA A 78 21.59 -2.19 13.97
N THR A 79 20.43 -2.23 13.31
CA THR A 79 20.38 -2.43 11.87
C THR A 79 19.60 -1.29 11.20
N SER A 80 19.05 -0.41 12.01
CA SER A 80 18.27 0.71 11.50
C SER A 80 17.20 0.24 10.52
N THR A 81 16.61 -0.91 10.81
CA THR A 81 15.58 -1.48 9.96
C THR A 81 14.56 -2.29 10.79
N LYS A 82 13.29 -2.17 10.42
CA LYS A 82 12.24 -2.89 11.13
C LYS A 82 11.67 -4.02 10.26
N SER A 83 11.07 -5.01 10.91
CA SER A 83 10.50 -6.14 10.19
C SER A 83 9.01 -6.29 10.51
N ARG A 84 8.25 -6.75 9.52
CA ARG A 84 6.81 -6.94 9.69
C ARG A 84 6.28 -7.98 8.72
N THR A 85 5.65 -9.03 9.26
CA THR A 85 5.10 -10.09 8.44
C THR A 85 3.60 -9.92 8.25
N GLY A 86 3.17 -9.86 7.00
CA GLY A 86 1.74 -9.70 6.71
C GLY A 86 1.10 -10.98 6.23
N THR A 87 -0.09 -11.27 6.74
CA THR A 87 -0.81 -12.47 6.36
C THR A 87 -1.73 -12.22 5.17
N LEU A 88 -1.97 -13.26 4.39
CA LEU A 88 -2.84 -13.14 3.21
C LEU A 88 -4.31 -13.13 3.61
N GLN A 89 -5.11 -12.37 2.87
CA GLN A 89 -6.54 -12.26 3.15
C GLN A 89 -7.36 -12.92 2.04
N LYS A 90 -7.44 -12.25 0.90
CA LYS A 90 -8.19 -12.76 -0.24
C LYS A 90 -7.52 -12.38 -1.55
N ALA A 91 -7.47 -13.34 -2.47
CA ALA A 91 -6.84 -13.12 -3.77
C ALA A 91 -7.82 -12.46 -4.74
N LEU A 92 -7.50 -11.25 -5.18
CA LEU A 92 -8.35 -10.51 -6.10
C LEU A 92 -7.51 -9.75 -7.12
N PHE A 93 -6.24 -10.12 -7.23
CA PHE A 93 -5.33 -9.48 -8.18
C PHE A 93 -5.38 -10.17 -9.53
N ASN A 94 -4.76 -11.35 -9.61
CA ASN A 94 -4.73 -12.11 -10.85
C ASN A 94 -3.97 -13.42 -10.67
N VAL A 95 -2.79 -13.33 -10.07
CA VAL A 95 -1.96 -14.51 -9.82
C VAL A 95 -2.06 -14.97 -8.38
N GLU A 96 -1.35 -16.04 -8.04
CA GLU A 96 -1.37 -16.58 -6.69
C GLU A 96 -0.16 -16.09 -5.90
N CYS A 97 -0.37 -15.84 -4.62
CA CYS A 97 0.71 -15.36 -3.75
C CYS A 97 0.86 -16.27 -2.54
N GLN A 98 2.00 -16.15 -1.85
CA GLN A 98 2.26 -16.96 -0.67
C GLN A 98 1.28 -16.63 0.46
N GLN A 99 1.05 -17.59 1.34
CA GLN A 99 0.13 -17.40 2.46
C GLN A 99 0.49 -16.14 3.24
N THR A 100 1.78 -15.84 3.33
CA THR A 100 2.25 -14.67 4.05
C THR A 100 3.52 -14.11 3.43
N VAL A 101 3.87 -12.89 3.81
CA VAL A 101 5.08 -12.25 3.29
C VAL A 101 5.66 -11.28 4.31
N SER A 102 6.99 -11.18 4.33
CA SER A 102 7.67 -10.28 5.26
C SER A 102 8.00 -8.95 4.59
N VAL A 103 8.18 -7.92 5.40
CA VAL A 103 8.49 -6.59 4.88
C VAL A 103 9.57 -5.92 5.73
N THR A 104 10.16 -4.85 5.20
CA THR A 104 11.20 -4.11 5.90
C THR A 104 11.03 -2.62 5.74
N LYS A 105 11.46 -1.86 6.74
CA LYS A 105 11.36 -0.40 6.70
C LYS A 105 12.53 0.25 7.43
N PRO A 106 12.95 1.42 6.95
CA PRO A 106 14.06 2.17 7.54
C PRO A 106 13.70 2.76 8.90
N CYS A 107 13.60 1.89 9.90
CA CYS A 107 13.25 2.32 11.25
C CYS A 107 14.34 1.93 12.24
N THR A 108 14.56 2.77 13.25
CA THR A 108 15.58 2.52 14.25
C THR A 108 15.05 2.80 15.65
N THR A 109 15.33 1.89 16.59
CA THR A 109 14.88 2.05 17.96
C THR A 109 15.69 1.17 18.91
N LYS A 110 15.92 1.66 20.12
CA LYS A 110 16.68 0.93 21.12
C LYS A 110 16.09 1.13 22.51
N VAL A 111 16.16 0.10 23.34
CA VAL A 111 15.65 0.17 24.70
C VAL A 111 16.22 1.37 25.45
N LYS A 112 15.39 2.02 26.25
CA LYS A 112 15.81 3.18 27.02
C LYS A 112 16.00 2.82 28.49
N ASN A 113 16.86 3.56 29.17
CA ASN A 113 17.13 3.32 30.58
C ASN A 113 16.63 4.47 31.44
N LYS A 114 16.08 4.14 32.61
CA LYS A 114 15.55 5.15 33.52
C LYS A 114 16.53 5.41 34.66
N PRO A 115 16.37 6.57 35.32
CA PRO A 115 17.23 6.95 36.45
C PRO A 115 17.00 6.10 37.68
N LYS A 116 18.07 5.52 38.21
CA LYS A 116 17.99 4.68 39.40
C LYS A 116 19.28 4.72 40.19
N GLY A 117 19.16 4.86 41.52
CA GLY A 117 20.34 4.91 42.37
C GLY A 117 20.24 6.00 43.41
N LYS A 118 20.67 5.69 44.63
CA LYS A 118 20.63 6.65 45.73
C LYS A 118 21.86 6.51 46.62
N LYS A 119 22.96 7.15 46.22
CA LYS A 119 24.19 7.09 47.00
C LYS A 119 24.62 5.64 47.23
N GLY A 120 24.31 4.78 46.27
CA GLY A 120 24.67 3.37 46.39
C GLY A 120 24.21 2.76 47.69
N LYS A 121 23.10 3.29 48.22
CA LYS A 121 22.55 2.79 49.48
C LYS A 121 23.58 2.89 50.61
N GLY A 122 23.53 3.99 51.35
CA GLY A 122 24.46 4.19 52.44
C GLY A 122 23.78 4.71 53.69
N LYS A 123 24.48 4.65 54.82
CA LYS A 123 23.94 5.12 56.09
C LYS A 123 24.99 5.92 56.87
N GLY A 124 24.57 7.05 57.42
CA GLY A 124 25.49 7.88 58.18
C GLY A 124 25.32 7.70 59.68
N ASN A 125 25.36 8.81 60.40
CA ASN A 125 25.22 8.77 61.86
C ASN A 125 23.99 9.56 62.30
N GLY A 1 -13.93 7.40 74.90
CA GLY A 1 -13.10 6.89 73.83
C GLY A 1 -12.01 7.85 73.42
N SER A 2 -11.09 7.39 72.57
CA SER A 2 -10.00 8.22 72.11
C SER A 2 -9.57 7.82 70.70
N LYS A 3 -10.15 8.47 69.70
CA LYS A 3 -9.83 8.17 68.31
C LYS A 3 -9.87 9.45 67.46
N ASN A 4 -8.84 9.66 66.66
CA ASN A 4 -8.76 10.84 65.81
C ASN A 4 -8.31 10.46 64.40
N LYS A 5 -9.25 10.43 63.48
CA LYS A 5 -8.95 10.09 62.08
C LYS A 5 -8.32 11.27 61.35
N LYS A 6 -6.99 11.32 61.36
CA LYS A 6 -6.27 12.41 60.69
C LYS A 6 -5.64 11.91 59.38
N GLU A 7 -5.21 12.86 58.55
CA GLU A 7 -4.60 12.53 57.28
C GLU A 7 -4.09 13.78 56.57
N LYS A 8 -2.79 13.80 56.28
CA LYS A 8 -2.17 14.93 55.61
C LYS A 8 -2.49 14.93 54.12
N ASN A 9 -3.35 15.85 53.70
CA ASN A 9 -3.74 15.95 52.29
C ASN A 9 -2.77 16.84 51.52
N LYS A 10 -2.11 16.27 50.52
CA LYS A 10 -1.16 17.02 49.71
C LYS A 10 -0.72 16.20 48.50
N GLY A 11 -0.48 16.89 47.38
CA GLY A 11 -0.05 16.20 46.17
C GLY A 11 -0.73 16.75 44.94
N GLY A 12 0.07 17.24 43.99
CA GLY A 12 -0.49 17.79 42.76
C GLY A 12 0.48 18.71 42.06
N LYS A 13 1.69 18.23 41.80
CA LYS A 13 2.71 19.02 41.13
C LYS A 13 2.68 18.79 39.62
N GLY A 14 3.63 19.39 38.91
CA GLY A 14 3.67 19.24 37.47
C GLY A 14 4.34 20.42 36.79
N GLY A 15 5.58 20.22 36.35
CA GLY A 15 6.31 21.29 35.68
C GLY A 15 7.25 20.77 34.60
N ALA A 16 6.84 19.70 33.94
CA ALA A 16 7.65 19.10 32.88
C ALA A 16 6.86 19.01 31.57
N ASP A 17 7.42 18.31 30.60
CA ASP A 17 6.78 18.13 29.30
C ASP A 17 5.41 17.48 29.46
N CYS A 18 4.43 17.99 28.71
CA CYS A 18 3.07 17.44 28.77
C CYS A 18 3.08 15.93 28.57
N ALA A 19 2.38 15.21 29.45
CA ALA A 19 2.31 13.76 29.37
C ALA A 19 1.57 13.32 28.11
N GLU A 20 0.64 14.16 27.66
CA GLU A 20 -0.14 13.85 26.46
C GLU A 20 -0.05 14.98 25.44
N TRP A 21 1.00 14.95 24.63
CA TRP A 21 1.21 15.98 23.61
C TRP A 21 0.15 15.87 22.51
N LEU A 22 -0.52 16.98 22.25
CA LEU A 22 -1.56 17.02 21.21
C LEU A 22 -1.07 17.77 19.98
N TYR A 23 -0.80 17.02 18.92
CA TYR A 23 -0.33 17.61 17.67
C TYR A 23 -1.46 17.76 16.67
N GLY A 24 -1.22 18.52 15.60
CA GLY A 24 -2.24 18.72 14.59
C GLY A 24 -1.77 18.30 13.21
N SER A 25 -2.27 18.98 12.18
CA SER A 25 -1.89 18.67 10.81
C SER A 25 -0.44 19.04 10.55
N CYS A 26 0.15 18.41 9.52
CA CYS A 26 1.53 18.67 9.15
C CYS A 26 1.62 19.63 7.97
N VAL A 27 2.53 20.59 8.05
CA VAL A 27 2.71 21.57 6.99
C VAL A 27 4.03 21.33 6.24
N ALA A 28 3.92 20.96 4.97
CA ALA A 28 5.10 20.71 4.15
C ALA A 28 5.92 21.98 3.96
N ASN A 29 7.24 21.85 4.10
CA ASN A 29 8.13 22.99 3.96
C ASN A 29 8.10 23.53 2.52
N ASN A 30 8.05 22.61 1.56
CA ASN A 30 8.03 22.98 0.15
C ASN A 30 6.86 23.93 -0.14
N GLY A 31 5.65 23.38 -0.12
CA GLY A 31 4.47 24.18 -0.38
C GLY A 31 3.20 23.35 -0.47
N ASP A 32 3.22 22.33 -1.33
CA ASP A 32 2.07 21.45 -1.51
C ASP A 32 2.11 20.30 -0.51
N CYS A 33 3.09 19.42 -0.67
CA CYS A 33 3.24 18.27 0.22
C CYS A 33 4.69 17.79 0.25
N GLY A 34 5.09 17.23 1.40
CA GLY A 34 6.45 16.75 1.55
C GLY A 34 7.00 16.99 2.94
N GLN A 35 8.30 16.74 3.10
CA GLN A 35 8.95 16.93 4.39
C GLN A 35 8.64 18.31 4.96
N GLY A 36 8.04 18.33 6.15
CA GLY A 36 7.70 19.59 6.78
C GLY A 36 7.94 19.58 8.27
N MET A 37 6.98 20.10 9.03
CA MET A 37 7.10 20.14 10.49
C MET A 37 5.73 20.28 11.14
N ARG A 38 5.67 20.03 12.45
CA ARG A 38 4.41 20.13 13.19
C ARG A 38 4.67 20.63 14.60
N GLU A 39 3.69 21.34 15.15
CA GLU A 39 3.80 21.88 16.50
C GLU A 39 2.85 21.16 17.46
N GLY A 40 3.43 20.46 18.43
CA GLY A 40 2.62 19.73 19.39
C GLY A 40 2.15 20.60 20.55
N THR A 41 0.90 21.01 20.50
CA THR A 41 0.33 21.86 21.54
C THR A 41 -0.54 21.05 22.49
N CYS A 42 -0.21 21.11 23.78
CA CYS A 42 -0.97 20.38 24.80
C CYS A 42 -1.50 21.33 25.86
N ASN A 43 -2.82 21.48 25.89
CA ASN A 43 -3.47 22.36 26.86
C ASN A 43 -3.06 23.82 26.63
N GLU A 44 -1.93 24.20 27.22
CA GLU A 44 -1.42 25.56 27.08
C GLU A 44 0.08 25.56 26.83
N GLN A 45 0.58 24.47 26.27
CA GLN A 45 2.00 24.33 25.98
C GLN A 45 2.23 24.08 24.49
N THR A 46 3.48 24.21 24.05
CA THR A 46 3.83 23.99 22.66
C THR A 46 4.97 22.99 22.53
N ARG A 47 5.11 22.42 21.33
CA ARG A 47 6.16 21.44 21.08
C ARG A 47 6.66 21.54 19.64
N LYS A 48 7.86 21.01 19.39
CA LYS A 48 8.45 21.04 18.06
C LYS A 48 8.80 19.63 17.60
N VAL A 49 8.37 19.28 16.39
CA VAL A 49 8.65 17.96 15.83
C VAL A 49 8.68 18.01 14.31
N LYS A 50 9.56 17.22 13.71
CA LYS A 50 9.69 17.16 12.26
C LYS A 50 8.83 16.04 11.68
N CYS A 51 7.96 16.40 10.75
CA CYS A 51 7.08 15.41 10.12
C CYS A 51 6.93 15.71 8.62
N ARG A 52 6.77 14.65 7.83
CA ARG A 52 6.63 14.79 6.39
C ARG A 52 5.18 14.56 5.96
N VAL A 53 4.73 15.32 4.97
CA VAL A 53 3.37 15.21 4.47
C VAL A 53 3.34 14.53 3.10
N PRO A 54 3.19 13.19 3.11
CA PRO A 54 3.14 12.40 1.88
C PRO A 54 1.86 12.64 1.09
N CYS A 55 2.00 12.74 -0.23
CA CYS A 55 0.85 12.97 -1.10
C CYS A 55 0.14 11.66 -1.43
N ASN A 56 -1.18 11.72 -1.59
CA ASN A 56 -1.97 10.54 -1.91
C ASN A 56 -1.90 9.52 -0.77
N TRP A 57 -2.33 9.95 0.42
CA TRP A 57 -2.31 9.07 1.59
C TRP A 57 -3.00 7.75 1.28
N LYS A 58 -4.07 7.81 0.50
CA LYS A 58 -4.83 6.62 0.12
C LYS A 58 -3.95 5.65 -0.68
N LYS A 59 -3.87 4.40 -0.22
CA LYS A 59 -3.07 3.40 -0.89
C LYS A 59 -3.67 3.05 -2.25
N GLU A 60 -2.97 2.21 -3.00
CA GLU A 60 -3.43 1.80 -4.32
C GLU A 60 -2.95 0.39 -4.66
N PHE A 61 -3.19 -0.03 -5.90
CA PHE A 61 -2.77 -1.35 -6.35
C PHE A 61 -1.29 -1.58 -6.07
N GLY A 62 -0.99 -2.47 -5.13
CA GLY A 62 0.39 -2.77 -4.79
C GLY A 62 1.06 -3.68 -5.79
N ALA A 63 2.20 -4.23 -5.43
CA ALA A 63 2.93 -5.12 -6.31
C ALA A 63 2.05 -6.26 -6.80
N ASP A 64 1.70 -7.17 -5.90
CA ASP A 64 0.86 -8.30 -6.26
C ASP A 64 -0.54 -8.14 -5.66
N CYS A 65 -0.64 -8.32 -4.35
CA CYS A 65 -1.92 -8.20 -3.66
C CYS A 65 -1.74 -7.53 -2.30
N LYS A 66 -2.83 -7.02 -1.75
CA LYS A 66 -2.80 -6.36 -0.45
C LYS A 66 -2.75 -7.38 0.69
N TYR A 67 -2.09 -7.01 1.78
CA TYR A 67 -1.96 -7.90 2.93
C TYR A 67 -2.47 -7.21 4.20
N LYS A 68 -2.58 -7.99 5.27
CA LYS A 68 -3.05 -7.46 6.55
C LYS A 68 -1.91 -7.36 7.56
N PHE A 69 -1.38 -6.15 7.74
CA PHE A 69 -0.29 -5.93 8.67
C PHE A 69 -0.82 -5.62 10.07
N GLY A 70 -0.26 -6.31 11.07
CA GLY A 70 -0.69 -6.09 12.43
C GLY A 70 -0.09 -4.85 13.05
N ASN A 71 1.24 -4.83 13.15
CA ASN A 71 1.94 -3.68 13.72
C ASN A 71 3.45 -3.85 13.60
N TRP A 72 4.10 -2.86 13.00
CA TRP A 72 5.54 -2.90 12.82
C TRP A 72 6.25 -3.22 14.13
N GLY A 73 7.11 -4.22 14.11
CA GLY A 73 7.83 -4.60 15.31
C GLY A 73 8.71 -3.48 15.84
N GLU A 74 9.62 -3.82 16.76
CA GLU A 74 10.52 -2.83 17.33
C GLU A 74 11.66 -2.50 16.39
N CYS A 75 11.91 -1.21 16.18
CA CYS A 75 12.98 -0.77 15.29
C CYS A 75 14.32 -0.78 16.01
N ASP A 76 15.29 -1.48 15.44
CA ASP A 76 16.62 -1.57 16.03
C ASP A 76 17.59 -0.62 15.34
N ALA A 77 17.97 0.43 16.05
CA ALA A 77 18.90 1.42 15.50
C ALA A 77 20.22 0.78 15.11
N ALA A 78 20.47 -0.42 15.62
CA ALA A 78 21.70 -1.14 15.32
C ALA A 78 21.74 -1.57 13.86
N THR A 79 20.56 -1.78 13.28
CA THR A 79 20.46 -2.20 11.88
C THR A 79 19.71 -1.16 11.05
N SER A 80 18.90 -0.35 11.72
CA SER A 80 18.12 0.68 11.05
C SER A 80 17.13 0.06 10.08
N THR A 81 16.48 -1.02 10.52
CA THR A 81 15.49 -1.71 9.69
C THR A 81 14.43 -2.37 10.55
N LYS A 82 13.18 -2.31 10.09
CA LYS A 82 12.07 -2.90 10.82
C LYS A 82 11.52 -4.12 10.08
N SER A 83 10.91 -5.04 10.82
CA SER A 83 10.35 -6.25 10.22
C SER A 83 8.88 -6.40 10.59
N ARG A 84 8.09 -6.94 9.66
CA ARG A 84 6.67 -7.14 9.88
C ARG A 84 6.13 -8.27 9.01
N THR A 85 5.31 -9.13 9.60
CA THR A 85 4.74 -10.26 8.88
C THR A 85 3.31 -9.95 8.44
N GLY A 86 3.07 -10.05 7.14
CA GLY A 86 1.74 -9.78 6.61
C GLY A 86 1.08 -11.02 6.05
N THR A 87 -0.10 -11.35 6.56
CA THR A 87 -0.83 -12.53 6.10
C THR A 87 -1.80 -12.17 4.98
N LEU A 88 -1.97 -13.08 4.04
CA LEU A 88 -2.87 -12.86 2.90
C LEU A 88 -4.32 -12.73 3.37
N GLN A 89 -5.03 -11.77 2.82
CA GLN A 89 -6.43 -11.54 3.18
C GLN A 89 -7.35 -11.80 1.99
N LYS A 90 -6.99 -11.25 0.84
CA LYS A 90 -7.78 -11.42 -0.37
C LYS A 90 -6.89 -11.49 -1.60
N ALA A 91 -7.41 -12.06 -2.68
CA ALA A 91 -6.66 -12.19 -3.92
C ALA A 91 -7.25 -11.31 -5.01
N LEU A 92 -6.39 -10.49 -5.62
CA LEU A 92 -6.82 -9.59 -6.69
C LEU A 92 -6.70 -10.25 -8.05
N PHE A 93 -6.47 -11.56 -8.05
CA PHE A 93 -6.33 -12.32 -9.29
C PHE A 93 -5.19 -11.76 -10.14
N ASN A 94 -4.93 -12.42 -11.26
CA ASN A 94 -3.87 -11.99 -12.17
C ASN A 94 -2.54 -11.88 -11.42
N VAL A 95 -2.39 -12.66 -10.35
CA VAL A 95 -1.17 -12.63 -9.56
C VAL A 95 -1.22 -13.70 -8.46
N GLU A 96 -0.10 -14.36 -8.23
CA GLU A 96 -0.01 -15.39 -7.20
C GLU A 96 0.47 -14.81 -5.88
N CYS A 97 -0.19 -15.20 -4.79
CA CYS A 97 0.17 -14.71 -3.46
C CYS A 97 0.35 -15.87 -2.49
N GLN A 98 1.31 -15.73 -1.59
CA GLN A 98 1.58 -16.77 -0.60
C GLN A 98 0.70 -16.60 0.63
N GLN A 99 0.43 -17.71 1.33
CA GLN A 99 -0.40 -17.67 2.52
C GLN A 99 0.09 -16.61 3.50
N THR A 100 1.41 -16.47 3.61
CA THR A 100 2.01 -15.49 4.51
C THR A 100 3.31 -14.96 3.95
N VAL A 101 3.63 -13.70 4.27
CA VAL A 101 4.85 -13.07 3.80
C VAL A 101 5.38 -12.08 4.83
N SER A 102 6.59 -11.58 4.59
CA SER A 102 7.22 -10.61 5.48
C SER A 102 7.63 -9.35 4.74
N VAL A 103 7.81 -8.26 5.48
CA VAL A 103 8.20 -6.99 4.89
C VAL A 103 9.28 -6.31 5.73
N THR A 104 10.05 -5.44 5.09
CA THR A 104 11.12 -4.71 5.77
C THR A 104 11.18 -3.26 5.31
N LYS A 105 11.58 -2.38 6.21
CA LYS A 105 11.69 -0.96 5.90
C LYS A 105 12.80 -0.31 6.72
N PRO A 106 13.40 0.76 6.16
CA PRO A 106 14.48 1.49 6.82
C PRO A 106 13.98 2.28 8.03
N CYS A 107 13.79 1.59 9.15
CA CYS A 107 13.31 2.23 10.38
C CYS A 107 14.32 2.04 11.51
N THR A 108 14.44 3.05 12.36
CA THR A 108 15.36 2.99 13.48
C THR A 108 14.70 3.50 14.77
N THR A 109 15.17 2.98 15.90
CA THR A 109 14.62 3.37 17.20
C THR A 109 14.65 4.89 17.37
N LYS A 110 15.86 5.46 17.39
CA LYS A 110 16.02 6.89 17.55
C LYS A 110 17.48 7.30 17.32
N VAL A 111 17.68 8.55 16.92
CA VAL A 111 19.02 9.07 16.66
C VAL A 111 19.91 8.91 17.88
N LYS A 112 21.10 8.35 17.67
CA LYS A 112 22.04 8.14 18.75
C LYS A 112 23.48 8.23 18.24
N ASN A 113 23.70 9.06 17.22
CA ASN A 113 25.03 9.23 16.65
C ASN A 113 25.42 10.71 16.63
N LYS A 114 25.98 11.17 17.74
CA LYS A 114 26.40 12.57 17.85
C LYS A 114 27.88 12.71 17.52
N PRO A 115 28.31 13.94 17.20
CA PRO A 115 29.70 14.24 16.86
C PRO A 115 30.63 14.13 18.07
N LYS A 116 31.69 13.35 17.93
CA LYS A 116 32.65 13.17 19.01
C LYS A 116 34.04 12.84 18.46
N GLY A 117 34.88 13.88 18.34
CA GLY A 117 36.21 13.68 17.82
C GLY A 117 37.09 12.87 18.76
N LYS A 118 37.81 13.57 19.64
CA LYS A 118 38.68 12.90 20.60
C LYS A 118 38.29 13.26 22.04
N LYS A 119 38.93 12.60 23.00
CA LYS A 119 38.66 12.85 24.41
C LYS A 119 39.01 14.29 24.78
N GLY A 120 40.07 14.82 24.15
CA GLY A 120 40.49 16.17 24.43
C GLY A 120 41.04 16.87 23.21
N LYS A 121 40.57 16.45 22.03
CA LYS A 121 41.01 17.04 20.78
C LYS A 121 42.47 16.69 20.49
N GLY A 122 43.39 17.34 21.20
CA GLY A 122 44.80 17.08 21.01
C GLY A 122 45.64 17.57 22.18
N LYS A 123 46.93 17.30 22.12
CA LYS A 123 47.85 17.71 23.18
C LYS A 123 48.18 19.19 23.06
N GLY A 124 47.49 20.01 23.86
CA GLY A 124 47.72 21.45 23.83
C GLY A 124 49.06 21.83 24.45
N ASN A 125 49.13 23.04 24.99
CA ASN A 125 50.37 23.52 25.61
C ASN A 125 50.76 22.64 26.78
N GLY A 1 -45.84 9.29 -93.60
CA GLY A 1 -45.23 9.25 -92.27
C GLY A 1 -44.28 10.41 -92.03
N SER A 2 -44.62 11.25 -91.07
CA SER A 2 -43.79 12.41 -90.74
C SER A 2 -43.80 12.68 -89.24
N LYS A 3 -42.65 12.51 -88.60
CA LYS A 3 -42.52 12.73 -87.16
C LYS A 3 -41.22 13.46 -86.84
N ASN A 4 -41.00 13.72 -85.56
CA ASN A 4 -39.79 14.41 -85.12
C ASN A 4 -39.32 13.88 -83.77
N LYS A 5 -38.03 14.00 -83.51
CA LYS A 5 -37.45 13.53 -82.25
C LYS A 5 -36.68 14.65 -81.55
N LYS A 6 -36.39 14.46 -80.27
CA LYS A 6 -35.65 15.45 -79.50
C LYS A 6 -35.12 14.83 -78.20
N GLU A 7 -33.79 14.73 -78.12
CA GLU A 7 -33.16 14.16 -76.93
C GLU A 7 -32.14 15.13 -76.34
N LYS A 8 -32.23 15.35 -75.03
CA LYS A 8 -31.33 16.25 -74.34
C LYS A 8 -31.53 16.17 -72.82
N ASN A 9 -30.41 16.09 -72.10
CA ASN A 9 -30.46 16.00 -70.64
C ASN A 9 -29.07 16.14 -70.04
N LYS A 10 -29.01 16.18 -68.71
CA LYS A 10 -27.73 16.31 -68.01
C LYS A 10 -27.92 16.18 -66.50
N GLY A 11 -26.90 15.70 -65.82
CA GLY A 11 -26.97 15.54 -64.38
C GLY A 11 -25.68 15.01 -63.78
N GLY A 12 -25.67 14.79 -62.47
CA GLY A 12 -24.50 14.29 -61.81
C GLY A 12 -24.45 14.67 -60.33
N LYS A 13 -23.41 14.22 -59.64
CA LYS A 13 -23.26 14.51 -58.23
C LYS A 13 -21.89 14.07 -57.73
N GLY A 14 -21.59 14.38 -56.47
CA GLY A 14 -20.31 14.01 -55.89
C GLY A 14 -20.39 13.79 -54.39
N GLY A 15 -19.46 13.01 -53.86
CA GLY A 15 -19.44 12.73 -52.44
C GLY A 15 -18.45 13.61 -51.68
N ALA A 16 -18.55 13.61 -50.36
CA ALA A 16 -17.66 14.42 -49.53
C ALA A 16 -17.84 14.08 -48.05
N ASP A 17 -16.79 14.29 -47.27
CA ASP A 17 -16.83 14.02 -45.84
C ASP A 17 -17.06 12.53 -45.59
N CYS A 18 -16.76 12.08 -44.37
CA CYS A 18 -16.93 10.69 -43.99
C CYS A 18 -17.68 10.57 -42.67
N ALA A 19 -18.66 9.68 -42.63
CA ALA A 19 -19.45 9.47 -41.41
C ALA A 19 -18.54 9.21 -40.21
N GLU A 20 -17.99 8.00 -40.15
CA GLU A 20 -17.10 7.64 -39.04
C GLU A 20 -15.64 7.79 -39.44
N TRP A 21 -15.04 8.92 -39.09
CA TRP A 21 -13.65 9.19 -39.43
C TRP A 21 -12.73 8.25 -38.68
N LEU A 22 -11.91 7.50 -39.43
CA LEU A 22 -10.98 6.55 -38.83
C LEU A 22 -9.55 7.07 -38.93
N TYR A 23 -8.99 7.46 -37.78
CA TYR A 23 -7.63 7.98 -37.74
C TYR A 23 -6.66 6.92 -37.23
N GLY A 24 -5.56 6.74 -37.96
CA GLY A 24 -4.57 5.75 -37.58
C GLY A 24 -3.74 6.20 -36.39
N SER A 25 -2.50 5.72 -36.34
CA SER A 25 -1.59 6.08 -35.24
C SER A 25 -1.26 7.57 -35.28
N CYS A 26 -0.76 8.07 -34.16
CA CYS A 26 -0.39 9.49 -34.06
C CYS A 26 1.11 9.68 -34.21
N VAL A 27 1.51 10.70 -34.96
CA VAL A 27 2.92 10.99 -35.19
C VAL A 27 3.35 12.25 -34.45
N ALA A 28 4.44 12.14 -33.69
CA ALA A 28 4.95 13.28 -32.94
C ALA A 28 5.82 14.17 -33.82
N ASN A 29 5.80 15.47 -33.53
CA ASN A 29 6.59 16.43 -34.30
C ASN A 29 8.06 16.41 -33.87
N ASN A 30 8.28 16.39 -32.56
CA ASN A 30 9.63 16.37 -32.02
C ASN A 30 10.42 15.17 -32.56
N GLY A 31 9.69 14.13 -32.94
CA GLY A 31 10.33 12.93 -33.47
C GLY A 31 9.92 11.68 -32.73
N ASP A 32 10.42 11.53 -31.51
CA ASP A 32 10.10 10.37 -30.69
C ASP A 32 8.70 10.48 -30.11
N CYS A 33 8.48 11.48 -29.27
CA CYS A 33 7.18 11.70 -28.65
C CYS A 33 6.97 13.17 -28.32
N GLY A 34 5.72 13.61 -28.35
CA GLY A 34 5.41 15.00 -28.04
C GLY A 34 4.34 15.56 -28.95
N GLN A 35 4.14 16.87 -28.89
CA GLN A 35 3.13 17.53 -29.70
C GLN A 35 3.34 17.22 -31.18
N GLY A 36 2.34 16.59 -31.80
CA GLY A 36 2.44 16.24 -33.21
C GLY A 36 1.13 16.48 -33.96
N MET A 37 0.84 15.62 -34.92
CA MET A 37 -0.37 15.74 -35.71
C MET A 37 -0.88 14.37 -36.15
N ARG A 38 -2.09 14.33 -36.70
CA ARG A 38 -2.68 13.09 -37.16
C ARG A 38 -3.57 13.33 -38.37
N GLU A 39 -3.35 12.56 -39.44
CA GLU A 39 -4.14 12.69 -40.66
C GLU A 39 -5.24 11.64 -40.71
N GLY A 40 -6.49 12.08 -40.67
CA GLY A 40 -7.61 11.17 -40.72
C GLY A 40 -7.91 10.70 -42.13
N THR A 41 -7.89 9.38 -42.32
CA THR A 41 -8.16 8.79 -43.63
C THR A 41 -9.34 7.82 -43.56
N CYS A 42 -10.35 8.07 -44.39
CA CYS A 42 -11.53 7.22 -44.42
C CYS A 42 -11.89 6.85 -45.86
N ASN A 43 -11.74 5.58 -46.20
CA ASN A 43 -12.04 5.10 -47.55
C ASN A 43 -11.14 5.76 -48.58
N GLU A 44 -11.50 6.98 -48.99
CA GLU A 44 -10.72 7.71 -49.97
C GLU A 44 -10.74 9.21 -49.67
N GLN A 45 -10.62 9.54 -48.39
CA GLN A 45 -10.62 10.94 -47.96
C GLN A 45 -9.50 11.21 -46.97
N THR A 46 -9.22 12.49 -46.74
CA THR A 46 -8.17 12.88 -45.81
C THR A 46 -8.67 13.93 -44.83
N ARG A 47 -8.00 14.03 -43.68
CA ARG A 47 -8.39 15.00 -42.65
C ARG A 47 -7.16 15.49 -41.89
N LYS A 48 -7.30 16.64 -41.24
CA LYS A 48 -6.20 17.22 -40.46
C LYS A 48 -6.63 17.46 -39.02
N VAL A 49 -5.84 16.95 -38.09
CA VAL A 49 -6.13 17.12 -36.66
C VAL A 49 -4.85 17.07 -35.83
N LYS A 50 -4.81 17.89 -34.78
CA LYS A 50 -3.65 17.94 -33.90
C LYS A 50 -3.81 17.00 -32.72
N CYS A 51 -2.88 16.07 -32.57
CA CYS A 51 -2.92 15.10 -31.49
C CYS A 51 -1.61 15.11 -30.69
N ARG A 52 -1.60 14.40 -29.57
CA ARG A 52 -0.42 14.32 -28.72
C ARG A 52 0.14 12.90 -28.69
N VAL A 53 1.44 12.77 -28.85
CA VAL A 53 2.09 11.47 -28.84
C VAL A 53 3.01 11.33 -27.62
N PRO A 54 2.41 11.11 -26.45
CA PRO A 54 3.15 10.96 -25.20
C PRO A 54 3.93 9.65 -25.14
N CYS A 55 5.09 9.69 -24.48
CA CYS A 55 5.93 8.50 -24.36
C CYS A 55 5.48 7.62 -23.20
N ASN A 56 5.77 6.33 -23.28
CA ASN A 56 5.39 5.39 -22.24
C ASN A 56 3.88 5.36 -22.05
N TRP A 57 3.20 4.62 -22.92
CA TRP A 57 1.74 4.51 -22.86
C TRP A 57 1.31 3.68 -21.66
N LYS A 58 0.03 3.72 -21.35
CA LYS A 58 -0.51 2.98 -20.22
C LYS A 58 0.16 3.39 -18.91
N LYS A 59 -0.28 2.81 -17.81
CA LYS A 59 0.28 3.12 -16.49
C LYS A 59 1.34 2.08 -16.10
N GLU A 60 2.22 2.46 -15.17
CA GLU A 60 3.26 1.56 -14.71
C GLU A 60 2.78 0.73 -13.53
N PHE A 61 3.67 -0.10 -12.99
CA PHE A 61 3.34 -0.96 -11.86
C PHE A 61 2.74 -0.13 -10.71
N GLY A 62 1.97 -0.80 -9.86
CA GLY A 62 1.36 -0.12 -8.74
C GLY A 62 1.07 -1.06 -7.58
N ALA A 63 0.55 -2.23 -7.89
CA ALA A 63 0.22 -3.22 -6.87
C ALA A 63 0.08 -4.61 -7.47
N ASP A 64 0.37 -5.64 -6.66
CA ASP A 64 0.28 -7.02 -7.12
C ASP A 64 -0.64 -7.82 -6.22
N CYS A 65 -0.35 -7.84 -4.93
CA CYS A 65 -1.16 -8.57 -3.97
C CYS A 65 -1.21 -7.84 -2.63
N LYS A 66 -2.40 -7.74 -2.06
CA LYS A 66 -2.59 -7.07 -0.78
C LYS A 66 -2.46 -8.05 0.38
N TYR A 67 -1.87 -7.59 1.47
CA TYR A 67 -1.68 -8.43 2.65
C TYR A 67 -2.24 -7.75 3.90
N LYS A 68 -2.32 -8.51 4.99
CA LYS A 68 -2.84 -7.99 6.25
C LYS A 68 -1.70 -7.74 7.24
N PHE A 69 -1.25 -6.49 7.32
CA PHE A 69 -0.17 -6.13 8.23
C PHE A 69 -0.73 -5.74 9.60
N GLY A 70 0.07 -5.98 10.65
CA GLY A 70 -0.36 -5.65 12.00
C GLY A 70 0.68 -4.85 12.75
N ASN A 71 0.92 -3.62 12.31
CA ASN A 71 1.90 -2.76 12.94
C ASN A 71 3.31 -3.31 12.78
N TRP A 72 4.28 -2.41 12.68
CA TRP A 72 5.68 -2.80 12.52
C TRP A 72 6.26 -3.30 13.84
N GLY A 73 7.22 -4.22 13.75
CA GLY A 73 7.85 -4.74 14.95
C GLY A 73 8.78 -3.75 15.62
N GLU A 74 9.70 -4.25 16.42
CA GLU A 74 10.66 -3.39 17.11
C GLU A 74 11.87 -3.11 16.24
N CYS A 75 12.39 -1.88 16.34
CA CYS A 75 13.55 -1.49 15.55
C CYS A 75 14.65 -0.95 16.46
N ASP A 76 15.85 -1.53 16.34
CA ASP A 76 16.99 -1.10 17.14
C ASP A 76 17.82 -0.05 16.40
N ALA A 77 18.03 1.09 17.05
CA ALA A 77 18.80 2.18 16.46
C ALA A 77 20.18 1.70 16.04
N ALA A 78 20.64 0.61 16.65
CA ALA A 78 21.94 0.05 16.35
C ALA A 78 21.98 -0.53 14.94
N THR A 79 20.82 -0.95 14.45
CA THR A 79 20.71 -1.54 13.12
C THR A 79 19.98 -0.59 12.16
N SER A 80 19.09 0.22 12.72
CA SER A 80 18.32 1.17 11.92
C SER A 80 17.43 0.43 10.92
N THR A 81 16.79 -0.64 11.38
CA THR A 81 15.91 -1.44 10.52
C THR A 81 14.80 -2.09 11.34
N LYS A 82 13.76 -2.53 10.65
CA LYS A 82 12.63 -3.18 11.31
C LYS A 82 12.08 -4.32 10.45
N SER A 83 11.46 -5.30 11.10
CA SER A 83 10.89 -6.44 10.39
C SER A 83 9.41 -6.60 10.73
N ARG A 84 8.64 -7.07 9.75
CA ARG A 84 7.21 -7.28 9.93
C ARG A 84 6.68 -8.34 8.96
N THR A 85 5.68 -9.09 9.42
CA THR A 85 5.08 -10.14 8.59
C THR A 85 3.64 -9.83 8.29
N GLY A 86 3.22 -10.13 7.06
CA GLY A 86 1.85 -9.88 6.65
C GLY A 86 1.12 -11.15 6.24
N THR A 87 -0.13 -11.28 6.69
CA THR A 87 -0.93 -12.45 6.37
C THR A 87 -1.81 -12.21 5.15
N LEU A 88 -1.71 -13.10 4.17
CA LEU A 88 -2.50 -12.97 2.95
C LEU A 88 -4.00 -13.01 3.26
N GLN A 89 -4.78 -12.26 2.49
CA GLN A 89 -6.22 -12.21 2.68
C GLN A 89 -6.96 -12.83 1.50
N LYS A 90 -6.99 -12.10 0.39
CA LYS A 90 -7.66 -12.57 -0.82
C LYS A 90 -6.91 -12.11 -2.07
N ALA A 91 -7.13 -12.81 -3.18
CA ALA A 91 -6.50 -12.47 -4.44
C ALA A 91 -7.37 -11.53 -5.28
N LEU A 92 -6.82 -10.39 -5.66
CA LEU A 92 -7.55 -9.42 -6.46
C LEU A 92 -6.87 -9.20 -7.80
N PHE A 93 -6.31 -10.27 -8.36
CA PHE A 93 -5.63 -10.19 -9.64
C PHE A 93 -5.68 -11.52 -10.37
N ASN A 94 -6.63 -12.36 -9.98
CA ASN A 94 -6.79 -13.68 -10.58
C ASN A 94 -5.47 -14.44 -10.60
N VAL A 95 -5.02 -14.86 -9.43
CA VAL A 95 -3.77 -15.60 -9.30
C VAL A 95 -3.54 -16.05 -7.86
N GLU A 96 -2.81 -17.16 -7.71
CA GLU A 96 -2.52 -17.70 -6.38
C GLU A 96 -1.34 -16.97 -5.75
N CYS A 97 -1.59 -16.32 -4.62
CA CYS A 97 -0.55 -15.59 -3.91
C CYS A 97 -0.05 -16.37 -2.70
N GLN A 98 1.10 -15.98 -2.17
CA GLN A 98 1.66 -16.65 -1.00
C GLN A 98 0.77 -16.46 0.22
N GLN A 99 0.86 -17.40 1.15
CA GLN A 99 0.06 -17.34 2.38
C GLN A 99 0.56 -16.24 3.29
N THR A 100 1.88 -16.07 3.35
CA THR A 100 2.48 -15.04 4.20
C THR A 100 3.77 -14.51 3.58
N VAL A 101 4.06 -13.24 3.84
CA VAL A 101 5.27 -12.61 3.31
C VAL A 101 5.90 -11.68 4.34
N SER A 102 7.23 -11.60 4.33
CA SER A 102 7.95 -10.75 5.27
C SER A 102 8.28 -9.40 4.63
N VAL A 103 8.51 -8.40 5.48
CA VAL A 103 8.82 -7.06 5.00
C VAL A 103 9.93 -6.43 5.84
N THR A 104 10.67 -5.50 5.24
CA THR A 104 11.75 -4.83 5.93
C THR A 104 11.78 -3.34 5.59
N LYS A 105 12.02 -2.51 6.60
CA LYS A 105 12.08 -1.06 6.42
C LYS A 105 13.01 -0.42 7.43
N PRO A 106 13.59 0.74 7.05
CA PRO A 106 14.51 1.48 7.91
C PRO A 106 13.81 2.11 9.09
N CYS A 107 14.18 1.69 10.30
CA CYS A 107 13.59 2.21 11.52
C CYS A 107 14.61 2.23 12.66
N THR A 108 14.52 3.26 13.51
CA THR A 108 15.43 3.38 14.63
C THR A 108 14.68 3.76 15.91
N THR A 109 15.20 3.32 17.05
CA THR A 109 14.57 3.62 18.34
C THR A 109 14.63 5.11 18.65
N LYS A 110 13.94 5.51 19.72
CA LYS A 110 13.90 6.90 20.12
C LYS A 110 13.98 7.03 21.63
N VAL A 111 14.48 8.17 22.10
CA VAL A 111 14.61 8.42 23.53
C VAL A 111 13.29 8.18 24.26
N LYS A 112 13.35 7.39 25.32
CA LYS A 112 12.16 7.08 26.10
C LYS A 112 12.45 7.15 27.59
N ASN A 113 13.36 8.06 27.97
CA ASN A 113 13.73 8.22 29.37
C ASN A 113 13.22 9.55 29.91
N LYS A 114 12.25 9.49 30.82
CA LYS A 114 11.67 10.68 31.41
C LYS A 114 12.26 10.94 32.80
N PRO A 115 12.13 12.19 33.28
CA PRO A 115 12.65 12.59 34.59
C PRO A 115 11.86 11.96 35.74
N LYS A 116 12.57 11.32 36.65
CA LYS A 116 11.94 10.67 37.79
C LYS A 116 12.90 10.61 38.98
N GLY A 117 12.94 11.70 39.75
CA GLY A 117 13.82 11.76 40.91
C GLY A 117 15.10 12.52 40.63
N LYS A 118 15.42 13.46 41.50
CA LYS A 118 16.63 14.27 41.35
C LYS A 118 17.84 13.56 41.96
N LYS A 119 17.70 13.13 43.20
CA LYS A 119 18.79 12.44 43.90
C LYS A 119 18.26 11.75 45.15
N GLY A 120 17.00 11.35 45.12
CA GLY A 120 16.40 10.68 46.27
C GLY A 120 15.50 11.59 47.06
N LYS A 121 14.77 12.45 46.38
CA LYS A 121 13.85 13.38 47.03
C LYS A 121 14.61 14.32 47.95
N GLY A 122 13.87 15.19 48.64
CA GLY A 122 14.49 16.14 49.55
C GLY A 122 13.63 16.41 50.77
N LYS A 123 14.26 16.90 51.83
CA LYS A 123 13.54 17.21 53.06
C LYS A 123 14.15 18.42 53.77
N GLY A 124 13.30 19.31 54.26
CA GLY A 124 13.78 20.50 54.94
C GLY A 124 12.68 21.19 55.74
N ASN A 125 13.02 22.32 56.35
CA ASN A 125 12.07 23.07 57.15
C ASN A 125 11.28 24.05 56.27
N GLY A 1 39.85 -16.60 3.95
CA GLY A 1 39.37 -15.32 4.43
C GLY A 1 38.62 -15.44 5.73
N SER A 2 37.78 -16.47 5.84
CA SER A 2 36.99 -16.68 7.05
C SER A 2 36.04 -15.52 7.31
N LYS A 3 35.07 -15.72 8.19
CA LYS A 3 34.10 -14.70 8.52
C LYS A 3 34.05 -14.45 10.02
N ASN A 4 33.93 -13.18 10.41
CA ASN A 4 33.87 -12.82 11.82
C ASN A 4 32.50 -12.27 12.18
N LYS A 5 32.34 -11.85 13.44
CA LYS A 5 31.07 -11.31 13.91
C LYS A 5 31.28 -10.53 15.22
N LYS A 6 30.50 -9.48 15.39
CA LYS A 6 30.58 -8.66 16.60
C LYS A 6 29.19 -8.39 17.16
N GLU A 7 29.15 -7.69 18.30
CA GLU A 7 27.89 -7.35 18.94
C GLU A 7 27.79 -5.86 19.23
N LYS A 8 26.65 -5.43 19.75
CA LYS A 8 26.43 -4.03 20.08
C LYS A 8 25.18 -3.85 20.93
N ASN A 9 24.95 -2.63 21.38
CA ASN A 9 23.78 -2.33 22.21
C ASN A 9 22.49 -2.63 21.47
N LYS A 10 21.53 -3.21 22.17
CA LYS A 10 20.24 -3.56 21.57
C LYS A 10 19.11 -3.36 22.58
N GLY A 11 17.91 -3.06 22.07
CA GLY A 11 16.77 -2.85 22.93
C GLY A 11 16.51 -1.39 23.21
N GLY A 12 15.23 -1.00 23.18
CA GLY A 12 14.87 0.39 23.43
C GLY A 12 13.55 0.76 22.80
N LYS A 13 13.09 1.98 23.08
CA LYS A 13 11.82 2.46 22.53
C LYS A 13 11.80 3.98 22.47
N GLY A 14 11.92 4.54 21.27
CA GLY A 14 11.91 5.98 21.11
C GLY A 14 11.03 6.42 19.95
N GLY A 15 10.28 7.50 20.16
CA GLY A 15 9.41 8.01 19.12
C GLY A 15 9.22 9.51 19.20
N ALA A 16 9.96 10.25 18.41
CA ALA A 16 9.87 11.71 18.39
C ALA A 16 8.71 12.18 17.54
N ASP A 17 8.36 13.45 17.66
CA ASP A 17 7.26 14.03 16.90
C ASP A 17 7.76 14.63 15.59
N CYS A 18 6.89 14.64 14.58
CA CYS A 18 7.25 15.18 13.27
C CYS A 18 6.93 16.68 13.20
N ALA A 19 5.87 17.08 13.90
CA ALA A 19 5.46 18.47 13.92
C ALA A 19 4.99 18.92 12.54
N GLU A 20 4.76 17.96 11.65
CA GLU A 20 4.30 18.26 10.30
C GLU A 20 4.04 16.97 9.52
N TRP A 21 3.12 16.16 10.02
CA TRP A 21 2.77 14.90 9.37
C TRP A 21 2.10 15.14 8.02
N LEU A 22 2.69 14.63 6.96
CA LEU A 22 2.14 14.79 5.62
C LEU A 22 1.53 13.49 5.12
N TYR A 23 0.20 13.45 5.05
CA TYR A 23 -0.51 12.27 4.59
C TYR A 23 -1.53 12.63 3.52
N GLY A 24 -1.99 11.61 2.79
CA GLY A 24 -2.98 11.84 1.75
C GLY A 24 -3.72 10.58 1.36
N SER A 25 -2.98 9.47 1.24
CA SER A 25 -3.58 8.20 0.88
C SER A 25 -4.51 7.69 1.97
N CYS A 26 -5.74 7.36 1.60
CA CYS A 26 -6.72 6.87 2.54
C CYS A 26 -7.13 5.44 2.21
N VAL A 27 -7.14 4.58 3.23
CA VAL A 27 -7.51 3.18 3.05
C VAL A 27 -8.96 2.94 3.44
N ALA A 28 -9.77 2.51 2.47
CA ALA A 28 -11.18 2.25 2.71
C ALA A 28 -11.39 0.81 3.19
N ASN A 29 -12.35 0.63 4.09
CA ASN A 29 -12.65 -0.70 4.63
C ASN A 29 -14.15 -0.97 4.59
N ASN A 30 -14.81 -0.44 3.57
CA ASN A 30 -16.25 -0.62 3.41
C ASN A 30 -16.61 -0.89 1.95
N GLY A 31 -16.20 -2.04 1.45
CA GLY A 31 -16.48 -2.39 0.06
C GLY A 31 -15.57 -1.67 -0.92
N ASP A 32 -15.76 -0.36 -1.03
CA ASP A 32 -14.95 0.45 -1.94
C ASP A 32 -14.76 1.85 -1.40
N CYS A 33 -15.83 2.43 -0.87
CA CYS A 33 -15.79 3.78 -0.31
C CYS A 33 -16.47 3.83 1.05
N GLY A 34 -16.00 4.73 1.91
CA GLY A 34 -16.56 4.86 3.24
C GLY A 34 -15.52 5.20 4.29
N GLN A 35 -15.98 5.64 5.45
CA GLN A 35 -15.08 6.00 6.54
C GLN A 35 -14.07 4.88 6.81
N GLY A 36 -12.80 5.25 6.92
CA GLY A 36 -11.76 4.26 7.17
C GLY A 36 -10.59 4.84 7.93
N MET A 37 -9.38 4.47 7.51
CA MET A 37 -8.16 4.96 8.15
C MET A 37 -7.13 5.37 7.11
N ARG A 38 -6.06 6.03 7.57
CA ARG A 38 -5.01 6.49 6.67
C ARG A 38 -3.65 6.40 7.36
N GLU A 39 -2.62 6.08 6.58
CA GLU A 39 -1.26 5.97 7.12
C GLU A 39 -0.34 7.00 6.48
N GLY A 40 0.18 7.91 7.29
CA GLY A 40 1.07 8.94 6.80
C GLY A 40 2.52 8.67 7.16
N THR A 41 3.43 9.12 6.30
CA THR A 41 4.86 8.93 6.54
C THR A 41 5.60 10.27 6.56
N CYS A 42 6.44 10.44 7.57
CA CYS A 42 7.22 11.67 7.70
C CYS A 42 8.69 11.37 7.96
N ASN A 43 9.53 11.69 6.97
CA ASN A 43 10.96 11.45 7.09
C ASN A 43 11.26 9.96 7.17
N GLU A 44 11.07 9.38 8.36
CA GLU A 44 11.32 7.96 8.56
C GLU A 44 10.40 7.40 9.64
N GLN A 45 9.20 7.98 9.74
CA GLN A 45 8.22 7.54 10.72
C GLN A 45 6.84 7.39 10.10
N THR A 46 5.93 6.73 10.81
CA THR A 46 4.57 6.53 10.32
C THR A 46 3.56 7.13 11.28
N ARG A 47 2.38 7.46 10.75
CA ARG A 47 1.31 8.04 11.56
C ARG A 47 -0.06 7.59 11.06
N LYS A 48 -1.06 7.68 11.93
CA LYS A 48 -2.42 7.29 11.58
C LYS A 48 -3.40 8.41 11.89
N VAL A 49 -4.43 8.54 11.04
CA VAL A 49 -5.43 9.58 11.22
C VAL A 49 -6.78 9.12 10.69
N LYS A 50 -7.85 9.52 11.38
CA LYS A 50 -9.21 9.15 10.97
C LYS A 50 -9.62 9.89 9.71
N CYS A 51 -9.91 9.13 8.65
CA CYS A 51 -10.31 9.72 7.38
C CYS A 51 -11.41 8.88 6.72
N ARG A 52 -11.97 9.39 5.64
CA ARG A 52 -13.03 8.69 4.92
C ARG A 52 -12.80 8.77 3.41
N VAL A 53 -13.13 7.69 2.71
CA VAL A 53 -12.96 7.63 1.27
C VAL A 53 -14.30 7.67 0.55
N PRO A 54 -14.75 8.90 0.22
CA PRO A 54 -16.02 9.11 -0.47
C PRO A 54 -15.99 8.62 -1.91
N CYS A 55 -17.13 8.16 -2.41
CA CYS A 55 -17.23 7.66 -3.77
C CYS A 55 -17.47 8.80 -4.75
N ASN A 56 -16.54 8.97 -5.68
CA ASN A 56 -16.64 10.03 -6.67
C ASN A 56 -15.44 10.02 -7.61
N TRP A 57 -14.26 9.79 -7.06
CA TRP A 57 -13.03 9.75 -7.85
C TRP A 57 -12.43 8.35 -7.84
N LYS A 58 -11.55 8.08 -8.80
CA LYS A 58 -10.90 6.78 -8.91
C LYS A 58 -9.50 6.82 -8.31
N LYS A 59 -8.77 7.89 -8.59
CA LYS A 59 -7.42 8.05 -8.08
C LYS A 59 -6.49 6.95 -8.60
N GLU A 60 -5.21 7.09 -8.35
CA GLU A 60 -4.22 6.11 -8.80
C GLU A 60 -4.17 4.92 -7.84
N PHE A 61 -4.50 3.74 -8.36
CA PHE A 61 -4.49 2.53 -7.56
C PHE A 61 -4.03 1.33 -8.38
N GLY A 62 -2.92 0.72 -7.96
CA GLY A 62 -2.39 -0.43 -8.66
C GLY A 62 -1.78 -1.46 -7.73
N ALA A 63 -2.60 -2.42 -7.31
CA ALA A 63 -2.14 -3.47 -6.41
C ALA A 63 -2.39 -4.85 -7.00
N ASP A 64 -1.59 -5.82 -6.58
CA ASP A 64 -1.73 -7.19 -7.07
C ASP A 64 -2.33 -8.08 -6.00
N CYS A 65 -1.65 -8.18 -4.86
CA CYS A 65 -2.12 -9.01 -3.76
C CYS A 65 -2.38 -8.17 -2.51
N LYS A 66 -3.47 -8.45 -1.83
CA LYS A 66 -3.84 -7.73 -0.62
C LYS A 66 -3.39 -8.48 0.63
N TYR A 67 -2.95 -7.75 1.64
CA TYR A 67 -2.49 -8.34 2.89
C TYR A 67 -2.97 -7.55 4.08
N LYS A 68 -3.18 -8.24 5.20
CA LYS A 68 -3.64 -7.60 6.42
C LYS A 68 -2.46 -7.14 7.28
N PHE A 69 -2.11 -5.86 7.17
CA PHE A 69 -0.99 -5.31 7.93
C PHE A 69 -1.48 -4.79 9.28
N GLY A 70 -0.70 -5.06 10.32
CA GLY A 70 -1.06 -4.61 11.65
C GLY A 70 -0.18 -3.48 12.14
N ASN A 71 0.98 -3.82 12.68
CA ASN A 71 1.91 -2.82 13.19
C ASN A 71 3.36 -3.32 13.09
N TRP A 72 4.28 -2.40 12.86
CA TRP A 72 5.69 -2.75 12.75
C TRP A 72 6.25 -3.19 14.10
N GLY A 73 7.24 -4.09 14.05
CA GLY A 73 7.84 -4.58 15.28
C GLY A 73 8.80 -3.58 15.90
N GLU A 74 9.69 -4.08 16.75
CA GLU A 74 10.66 -3.23 17.42
C GLU A 74 11.84 -2.91 16.49
N CYS A 75 12.23 -1.65 16.46
CA CYS A 75 13.34 -1.22 15.61
C CYS A 75 14.68 -1.46 16.31
N ASP A 76 15.56 -2.18 15.63
CA ASP A 76 16.88 -2.48 16.19
C ASP A 76 17.93 -1.52 15.64
N ALA A 77 18.41 -0.63 16.52
CA ALA A 77 19.41 0.35 16.13
C ALA A 77 20.70 -0.33 15.67
N ALA A 78 20.84 -1.61 16.02
CA ALA A 78 22.03 -2.38 15.65
C ALA A 78 22.07 -2.61 14.14
N THR A 79 20.90 -2.64 13.51
CA THR A 79 20.81 -2.86 12.08
C THR A 79 20.16 -1.68 11.38
N SER A 80 19.46 -0.85 12.16
CA SER A 80 18.79 0.32 11.61
C SER A 80 17.68 -0.08 10.64
N THR A 81 16.98 -1.16 10.98
CA THR A 81 15.90 -1.66 10.13
C THR A 81 14.81 -2.34 10.97
N LYS A 82 13.56 -2.21 10.52
CA LYS A 82 12.45 -2.82 11.22
C LYS A 82 11.89 -4.00 10.44
N SER A 83 11.20 -4.89 11.14
CA SER A 83 10.61 -6.08 10.52
C SER A 83 9.11 -6.12 10.72
N ARG A 84 8.39 -6.69 9.76
CA ARG A 84 6.95 -6.80 9.84
C ARG A 84 6.43 -7.96 8.99
N THR A 85 5.36 -8.60 9.44
CA THR A 85 4.77 -9.72 8.73
C THR A 85 3.32 -9.45 8.38
N GLY A 86 2.99 -9.54 7.10
CA GLY A 86 1.62 -9.31 6.66
C GLY A 86 0.89 -10.60 6.34
N THR A 87 -0.37 -10.67 6.74
CA THR A 87 -1.19 -11.86 6.50
C THR A 87 -1.84 -11.79 5.12
N LEU A 88 -2.00 -12.95 4.49
CA LEU A 88 -2.61 -13.02 3.17
C LEU A 88 -4.14 -12.97 3.28
N GLN A 89 -4.74 -11.96 2.65
CA GLN A 89 -6.19 -11.80 2.67
C GLN A 89 -6.83 -12.41 1.43
N LYS A 90 -6.70 -11.71 0.30
CA LYS A 90 -7.26 -12.18 -0.95
C LYS A 90 -6.38 -11.78 -2.13
N ALA A 91 -6.53 -12.48 -3.24
CA ALA A 91 -5.75 -12.20 -4.44
C ALA A 91 -6.65 -11.79 -5.60
N LEU A 92 -6.40 -10.61 -6.15
CA LEU A 92 -7.18 -10.10 -7.28
C LEU A 92 -6.41 -10.24 -8.59
N PHE A 93 -5.10 -10.10 -8.52
CA PHE A 93 -4.25 -10.20 -9.69
C PHE A 93 -3.74 -11.63 -9.86
N ASN A 94 -3.77 -12.12 -11.10
CA ASN A 94 -3.32 -13.48 -11.40
C ASN A 94 -1.88 -13.67 -10.95
N VAL A 95 -1.70 -14.31 -9.81
CA VAL A 95 -0.37 -14.57 -9.27
C VAL A 95 -0.44 -15.42 -8.00
N GLU A 96 0.60 -16.22 -7.77
CA GLU A 96 0.65 -17.09 -6.61
C GLU A 96 1.19 -16.33 -5.39
N CYS A 97 0.33 -16.13 -4.40
CA CYS A 97 0.71 -15.42 -3.19
C CYS A 97 0.87 -16.38 -2.01
N GLN A 98 1.82 -16.09 -1.12
CA GLN A 98 2.06 -16.94 0.04
C GLN A 98 1.12 -16.55 1.19
N GLN A 99 0.86 -17.53 2.07
CA GLN A 99 -0.02 -17.29 3.20
C GLN A 99 0.43 -16.06 4.00
N THR A 100 1.74 -15.87 4.10
CA THR A 100 2.30 -14.74 4.83
C THR A 100 3.61 -14.29 4.21
N VAL A 101 3.90 -13.00 4.31
CA VAL A 101 5.12 -12.44 3.76
C VAL A 101 5.75 -11.43 4.73
N SER A 102 7.08 -11.41 4.77
CA SER A 102 7.81 -10.50 5.66
C SER A 102 8.23 -9.24 4.90
N VAL A 103 8.44 -8.15 5.65
CA VAL A 103 8.85 -6.89 5.06
C VAL A 103 9.91 -6.21 5.93
N THR A 104 10.57 -5.21 5.35
CA THR A 104 11.60 -4.47 6.07
C THR A 104 11.51 -2.97 5.78
N LYS A 105 11.92 -2.15 6.75
CA LYS A 105 11.88 -0.71 6.60
C LYS A 105 13.05 -0.06 7.33
N PRO A 106 13.55 1.05 6.78
CA PRO A 106 14.68 1.79 7.35
C PRO A 106 14.30 2.50 8.65
N CYS A 107 14.18 1.73 9.72
CA CYS A 107 13.82 2.28 11.03
C CYS A 107 14.89 1.95 12.07
N THR A 108 15.13 2.90 12.98
CA THR A 108 16.13 2.71 14.02
C THR A 108 15.61 3.20 15.37
N THR A 109 16.12 2.61 16.45
CA THR A 109 15.70 3.00 17.80
C THR A 109 16.81 3.78 18.50
N LYS A 110 16.45 4.39 19.64
CA LYS A 110 17.42 5.16 20.41
C LYS A 110 16.86 5.47 21.80
N VAL A 111 17.61 6.27 22.55
CA VAL A 111 17.19 6.66 23.90
C VAL A 111 16.82 5.42 24.73
N LYS A 112 17.84 4.76 25.27
CA LYS A 112 17.63 3.57 26.08
C LYS A 112 16.81 3.90 27.33
N ASN A 113 16.47 2.87 28.11
CA ASN A 113 15.69 3.06 29.33
C ASN A 113 16.53 3.72 30.42
N LYS A 114 15.90 4.61 31.18
CA LYS A 114 16.58 5.32 32.26
C LYS A 114 16.38 4.60 33.58
N PRO A 115 17.26 4.90 34.56
CA PRO A 115 17.20 4.30 35.90
C PRO A 115 16.00 4.79 36.69
N LYS A 116 15.25 3.85 37.26
CA LYS A 116 14.08 4.19 38.06
C LYS A 116 13.45 2.93 38.66
N GLY A 117 12.40 3.13 39.46
CA GLY A 117 11.74 1.99 40.08
C GLY A 117 12.51 1.45 41.27
N LYS A 118 12.15 1.89 42.47
CA LYS A 118 12.81 1.45 43.69
C LYS A 118 11.87 1.52 44.88
N LYS A 119 12.36 1.11 46.05
CA LYS A 119 11.55 1.12 47.27
C LYS A 119 11.08 2.54 47.58
N GLY A 120 11.88 3.52 47.22
CA GLY A 120 11.52 4.90 47.47
C GLY A 120 10.25 5.32 46.76
N LYS A 121 10.06 4.79 45.56
CA LYS A 121 8.88 5.12 44.76
C LYS A 121 7.69 4.26 45.20
N GLY A 122 6.83 4.82 46.03
CA GLY A 122 5.67 4.10 46.51
C GLY A 122 5.48 4.21 48.00
N LYS A 123 4.30 3.81 48.49
CA LYS A 123 4.00 3.87 49.92
C LYS A 123 3.78 2.47 50.48
N GLY A 124 4.44 2.17 51.59
CA GLY A 124 4.30 0.88 52.21
C GLY A 124 5.02 0.79 53.55
N ASN A 125 4.27 0.50 54.61
CA ASN A 125 4.83 0.39 55.94
C ASN A 125 5.67 -0.88 56.08
N GLY A 1 -56.45 7.59 27.57
CA GLY A 1 -57.23 7.43 26.35
C GLY A 1 -56.53 8.01 25.14
N SER A 2 -56.86 7.48 23.96
CA SER A 2 -56.25 7.95 22.72
C SER A 2 -56.91 7.30 21.51
N LYS A 3 -57.50 8.13 20.65
CA LYS A 3 -58.17 7.63 19.45
C LYS A 3 -57.55 8.25 18.20
N ASN A 4 -57.74 7.57 17.07
CA ASN A 4 -57.20 8.05 15.80
C ASN A 4 -57.58 7.10 14.66
N LYS A 5 -57.44 7.58 13.43
CA LYS A 5 -57.76 6.79 12.25
C LYS A 5 -57.00 7.28 11.03
N LYS A 6 -55.78 6.79 10.85
CA LYS A 6 -54.95 7.19 9.73
C LYS A 6 -55.06 6.18 8.58
N GLU A 7 -54.76 6.63 7.37
CA GLU A 7 -54.84 5.77 6.20
C GLU A 7 -54.06 6.38 5.02
N LYS A 8 -54.06 5.68 3.90
CA LYS A 8 -53.35 6.14 2.71
C LYS A 8 -53.88 5.42 1.46
N ASN A 9 -54.15 6.21 0.42
CA ASN A 9 -54.65 5.65 -0.83
C ASN A 9 -53.58 5.71 -1.91
N LYS A 10 -53.25 4.54 -2.47
CA LYS A 10 -52.24 4.45 -3.52
C LYS A 10 -52.77 3.69 -4.72
N GLY A 11 -52.01 3.70 -5.81
CA GLY A 11 -52.42 2.99 -7.01
C GLY A 11 -51.26 2.33 -7.72
N GLY A 12 -51.51 1.85 -8.94
CA GLY A 12 -50.47 1.20 -9.70
C GLY A 12 -50.97 0.65 -11.02
N LYS A 13 -50.09 0.01 -11.78
CA LYS A 13 -50.44 -0.55 -13.07
C LYS A 13 -49.26 -1.29 -13.70
N GLY A 14 -49.50 -1.92 -14.83
CA GLY A 14 -48.44 -2.65 -15.52
C GLY A 14 -48.13 -3.98 -14.86
N GLY A 15 -48.33 -5.06 -15.61
CA GLY A 15 -48.08 -6.39 -15.08
C GLY A 15 -47.66 -7.37 -16.15
N ALA A 16 -46.55 -7.07 -16.83
CA ALA A 16 -46.04 -7.94 -17.89
C ALA A 16 -44.52 -7.99 -17.87
N ASP A 17 -43.96 -8.33 -16.71
CA ASP A 17 -42.51 -8.42 -16.56
C ASP A 17 -41.86 -7.04 -16.75
N CYS A 18 -40.69 -6.87 -16.15
CA CYS A 18 -39.97 -5.61 -16.25
C CYS A 18 -38.94 -5.66 -17.37
N ALA A 19 -39.18 -4.89 -18.42
CA ALA A 19 -38.27 -4.84 -19.57
C ALA A 19 -36.84 -4.60 -19.12
N GLU A 20 -36.58 -3.43 -18.55
CA GLU A 20 -35.25 -3.07 -18.08
C GLU A 20 -35.16 -3.19 -16.57
N TRP A 21 -34.82 -4.38 -16.10
CA TRP A 21 -34.69 -4.64 -14.67
C TRP A 21 -33.59 -3.76 -14.05
N LEU A 22 -33.98 -2.93 -13.09
CA LEU A 22 -33.03 -2.04 -12.43
C LEU A 22 -32.75 -2.51 -11.01
N TYR A 23 -31.48 -2.75 -10.70
CA TYR A 23 -31.08 -3.20 -9.37
C TYR A 23 -30.17 -2.18 -8.71
N GLY A 24 -30.32 -2.03 -7.39
CA GLY A 24 -29.50 -1.09 -6.65
C GLY A 24 -28.12 -1.64 -6.34
N SER A 25 -27.58 -1.28 -5.18
CA SER A 25 -26.26 -1.74 -4.78
C SER A 25 -26.26 -3.24 -4.54
N CYS A 26 -25.07 -3.82 -4.44
CA CYS A 26 -24.92 -5.25 -4.20
C CYS A 26 -24.58 -5.53 -2.75
N VAL A 27 -25.25 -6.52 -2.17
CA VAL A 27 -25.02 -6.90 -0.78
C VAL A 27 -24.30 -8.23 -0.68
N ALA A 28 -23.07 -8.21 -0.18
CA ALA A 28 -22.28 -9.42 -0.03
C ALA A 28 -22.92 -10.38 0.97
N ASN A 29 -22.71 -11.67 0.76
CA ASN A 29 -23.27 -12.68 1.65
C ASN A 29 -22.86 -12.42 3.10
N ASN A 30 -21.56 -12.41 3.35
CA ASN A 30 -21.04 -12.17 4.69
C ASN A 30 -21.53 -10.83 5.24
N GLY A 31 -21.69 -9.86 4.34
CA GLY A 31 -22.15 -8.55 4.75
C GLY A 31 -21.07 -7.50 4.68
N ASP A 32 -20.19 -7.63 3.70
CA ASP A 32 -19.09 -6.69 3.52
C ASP A 32 -18.77 -6.49 2.03
N CYS A 33 -18.13 -7.48 1.43
CA CYS A 33 -17.77 -7.42 0.03
C CYS A 33 -17.71 -8.82 -0.58
N GLY A 34 -17.81 -8.89 -1.90
CA GLY A 34 -17.76 -10.18 -2.59
C GLY A 34 -19.13 -10.67 -2.99
N GLN A 35 -19.18 -11.80 -3.68
CA GLN A 35 -20.44 -12.38 -4.13
C GLN A 35 -21.43 -12.48 -2.98
N GLY A 36 -22.66 -12.02 -3.22
CA GLY A 36 -23.69 -12.07 -2.20
C GLY A 36 -25.08 -12.26 -2.77
N MET A 37 -25.90 -11.23 -2.67
CA MET A 37 -27.26 -11.29 -3.19
C MET A 37 -27.75 -9.89 -3.61
N ARG A 38 -28.64 -9.86 -4.58
CA ARG A 38 -29.19 -8.60 -5.08
C ARG A 38 -30.64 -8.76 -5.51
N GLU A 39 -31.48 -7.81 -5.11
CA GLU A 39 -32.90 -7.85 -5.46
C GLU A 39 -33.26 -6.69 -6.38
N GLY A 40 -33.68 -7.02 -7.60
CA GLY A 40 -34.05 -6.01 -8.56
C GLY A 40 -35.46 -5.52 -8.36
N THR A 41 -35.61 -4.23 -8.06
CA THR A 41 -36.92 -3.63 -7.84
C THR A 41 -37.16 -2.48 -8.80
N CYS A 42 -38.26 -2.56 -9.56
CA CYS A 42 -38.61 -1.53 -10.53
C CYS A 42 -40.09 -1.18 -10.43
N ASN A 43 -40.38 0.03 -9.98
CA ASN A 43 -41.75 0.49 -9.84
C ASN A 43 -42.49 -0.31 -8.77
N GLU A 44 -42.99 -1.49 -9.15
CA GLU A 44 -43.72 -2.35 -8.23
C GLU A 44 -43.46 -3.82 -8.55
N GLN A 45 -42.20 -4.14 -8.84
CA GLN A 45 -41.82 -5.51 -9.16
C GLN A 45 -40.55 -5.91 -8.42
N THR A 46 -40.26 -7.21 -8.40
CA THR A 46 -39.08 -7.73 -7.72
C THR A 46 -38.33 -8.71 -8.61
N ARG A 47 -37.03 -8.83 -8.39
CA ARG A 47 -36.20 -9.74 -9.17
C ARG A 47 -35.06 -10.30 -8.32
N LYS A 48 -34.48 -11.41 -8.77
CA LYS A 48 -33.38 -12.05 -8.05
C LYS A 48 -32.14 -12.13 -8.92
N VAL A 49 -31.02 -11.64 -8.40
CA VAL A 49 -29.76 -11.66 -9.13
C VAL A 49 -28.56 -11.74 -8.19
N LYS A 50 -27.54 -12.47 -8.60
CA LYS A 50 -26.34 -12.62 -7.79
C LYS A 50 -25.17 -11.83 -8.38
N CYS A 51 -24.56 -10.99 -7.57
CA CYS A 51 -23.44 -10.17 -8.01
C CYS A 51 -22.38 -10.05 -6.91
N ARG A 52 -21.24 -9.47 -7.25
CA ARG A 52 -20.16 -9.29 -6.30
C ARG A 52 -20.04 -7.82 -5.88
N VAL A 53 -19.71 -7.60 -4.61
CA VAL A 53 -19.57 -6.26 -4.08
C VAL A 53 -18.10 -5.92 -3.83
N PRO A 54 -17.45 -5.32 -4.84
CA PRO A 54 -16.04 -4.93 -4.77
C PRO A 54 -15.81 -3.77 -3.81
N CYS A 55 -14.81 -3.90 -2.96
CA CYS A 55 -14.49 -2.86 -1.99
C CYS A 55 -13.61 -1.78 -2.62
N ASN A 56 -13.56 -0.62 -1.97
CA ASN A 56 -12.76 0.50 -2.48
C ASN A 56 -13.29 0.99 -3.82
N TRP A 57 -14.61 1.12 -3.92
CA TRP A 57 -15.24 1.58 -5.15
C TRP A 57 -14.60 2.87 -5.65
N LYS A 58 -14.57 3.88 -4.78
CA LYS A 58 -13.98 5.17 -5.14
C LYS A 58 -12.64 5.36 -4.43
N LYS A 59 -11.70 4.46 -4.69
CA LYS A 59 -10.38 4.53 -4.08
C LYS A 59 -9.42 3.56 -4.75
N GLU A 60 -8.13 3.78 -4.56
CA GLU A 60 -7.11 2.92 -5.15
C GLU A 60 -6.03 2.57 -4.12
N PHE A 61 -5.72 1.29 -4.00
CA PHE A 61 -4.71 0.82 -3.07
C PHE A 61 -4.25 -0.60 -3.41
N GLY A 62 -3.06 -0.70 -3.97
CA GLY A 62 -2.52 -2.00 -4.34
C GLY A 62 -1.93 -2.00 -5.74
N ALA A 63 -1.57 -3.19 -6.21
CA ALA A 63 -0.98 -3.33 -7.55
C ALA A 63 -0.98 -4.78 -8.00
N ASP A 64 -0.44 -5.66 -7.16
CA ASP A 64 -0.38 -7.08 -7.48
C ASP A 64 -0.91 -7.92 -6.32
N CYS A 65 -0.29 -7.77 -5.16
CA CYS A 65 -0.70 -8.51 -3.97
C CYS A 65 -0.80 -7.59 -2.75
N LYS A 66 -1.91 -7.71 -2.02
CA LYS A 66 -2.14 -6.89 -0.84
C LYS A 66 -2.09 -7.74 0.42
N TYR A 67 -1.53 -7.18 1.49
CA TYR A 67 -1.42 -7.88 2.76
C TYR A 67 -1.87 -6.99 3.92
N LYS A 68 -2.01 -7.60 5.10
CA LYS A 68 -2.43 -6.85 6.28
C LYS A 68 -1.34 -6.90 7.35
N PHE A 69 -0.74 -5.74 7.63
CA PHE A 69 0.31 -5.64 8.64
C PHE A 69 -0.28 -5.34 10.01
N GLY A 70 0.16 -6.10 11.01
CA GLY A 70 -0.34 -5.91 12.36
C GLY A 70 0.57 -5.03 13.19
N ASN A 71 0.70 -3.76 12.80
CA ASN A 71 1.56 -2.82 13.51
C ASN A 71 3.02 -3.24 13.41
N TRP A 72 3.83 -2.40 12.77
CA TRP A 72 5.25 -2.67 12.61
C TRP A 72 5.89 -3.03 13.95
N GLY A 73 6.79 -4.01 13.92
CA GLY A 73 7.46 -4.43 15.14
C GLY A 73 8.39 -3.36 15.68
N GLU A 74 9.29 -3.76 16.58
CA GLU A 74 10.24 -2.84 17.18
C GLU A 74 11.41 -2.58 16.24
N CYS A 75 11.78 -1.31 16.09
CA CYS A 75 12.89 -0.93 15.21
C CYS A 75 14.23 -1.09 15.93
N ASP A 76 15.14 -1.84 15.31
CA ASP A 76 16.46 -2.07 15.89
C ASP A 76 17.49 -1.13 15.28
N ALA A 77 17.97 -0.18 16.07
CA ALA A 77 18.97 0.78 15.61
C ALA A 77 20.26 0.08 15.19
N ALA A 78 20.42 -1.16 15.63
CA ALA A 78 21.60 -1.94 15.31
C ALA A 78 21.63 -2.29 13.82
N THR A 79 20.45 -2.37 13.21
CA THR A 79 20.34 -2.70 11.80
C THR A 79 19.63 -1.59 11.03
N SER A 80 19.06 -0.64 11.76
CA SER A 80 18.34 0.47 11.15
C SER A 80 17.26 -0.03 10.21
N THR A 81 16.59 -1.11 10.61
CA THR A 81 15.52 -1.70 9.81
C THR A 81 14.46 -2.34 10.68
N LYS A 82 13.22 -2.33 10.20
CA LYS A 82 12.11 -2.91 10.95
C LYS A 82 11.56 -4.14 10.23
N SER A 83 10.89 -5.01 10.99
CA SER A 83 10.33 -6.23 10.42
C SER A 83 8.83 -6.31 10.71
N ARG A 84 8.08 -6.87 9.76
CA ARG A 84 6.63 -7.01 9.91
C ARG A 84 6.11 -8.15 9.04
N THR A 85 5.26 -8.98 9.62
CA THR A 85 4.68 -10.12 8.89
C THR A 85 3.25 -9.82 8.47
N GLY A 86 2.97 -9.90 7.18
CA GLY A 86 1.64 -9.65 6.68
C GLY A 86 0.90 -10.93 6.32
N THR A 87 -0.42 -10.92 6.52
CA THR A 87 -1.24 -12.08 6.22
C THR A 87 -1.99 -11.90 4.90
N LEU A 88 -2.01 -12.94 4.09
CA LEU A 88 -2.71 -12.90 2.80
C LEU A 88 -4.21 -12.82 2.99
N GLN A 89 -4.82 -11.76 2.46
CA GLN A 89 -6.26 -11.57 2.58
C GLN A 89 -6.98 -12.10 1.35
N LYS A 90 -6.86 -11.38 0.24
CA LYS A 90 -7.51 -11.78 -1.01
C LYS A 90 -6.62 -11.44 -2.20
N ALA A 91 -6.83 -12.15 -3.31
CA ALA A 91 -6.06 -11.93 -4.52
C ALA A 91 -6.79 -10.98 -5.47
N LEU A 92 -6.20 -9.83 -5.72
CA LEU A 92 -6.80 -8.83 -6.61
C LEU A 92 -6.08 -8.81 -7.95
N PHE A 93 -5.47 -9.93 -8.31
CA PHE A 93 -4.75 -10.04 -9.57
C PHE A 93 -4.15 -11.44 -9.74
N ASN A 94 -4.18 -11.94 -10.98
CA ASN A 94 -3.65 -13.26 -11.27
C ASN A 94 -2.20 -13.39 -10.79
N VAL A 95 -2.01 -14.05 -9.66
CA VAL A 95 -0.69 -14.24 -9.09
C VAL A 95 -0.74 -15.14 -7.86
N GLU A 96 0.23 -16.04 -7.74
CA GLU A 96 0.29 -16.95 -6.60
C GLU A 96 1.02 -16.31 -5.43
N CYS A 97 0.29 -16.10 -4.33
CA CYS A 97 0.86 -15.49 -3.14
C CYS A 97 0.84 -16.47 -1.97
N GLN A 98 1.86 -16.39 -1.12
CA GLN A 98 1.97 -17.27 0.03
C GLN A 98 1.01 -16.82 1.13
N GLN A 99 0.60 -17.76 1.98
CA GLN A 99 -0.31 -17.47 3.08
C GLN A 99 0.19 -16.29 3.90
N THR A 100 1.49 -16.31 4.24
CA THR A 100 2.09 -15.25 5.03
C THR A 100 3.47 -14.88 4.49
N VAL A 101 3.85 -13.61 4.64
CA VAL A 101 5.14 -13.14 4.17
C VAL A 101 5.66 -12.01 5.04
N SER A 102 6.98 -11.95 5.20
CA SER A 102 7.61 -10.93 6.02
C SER A 102 8.04 -9.73 5.17
N VAL A 103 8.21 -8.58 5.82
CA VAL A 103 8.62 -7.37 5.11
C VAL A 103 9.68 -6.61 5.91
N THR A 104 10.33 -5.66 5.25
CA THR A 104 11.36 -4.86 5.90
C THR A 104 11.22 -3.38 5.53
N LYS A 105 11.61 -2.51 6.45
CA LYS A 105 11.53 -1.07 6.23
C LYS A 105 12.69 -0.35 6.91
N PRO A 106 13.17 0.74 6.28
CA PRO A 106 14.28 1.53 6.82
C PRO A 106 13.88 2.31 8.06
N CYS A 107 13.73 1.61 9.18
CA CYS A 107 13.35 2.24 10.44
C CYS A 107 14.41 1.99 11.51
N THR A 108 14.63 3.00 12.36
CA THR A 108 15.62 2.90 13.42
C THR A 108 15.09 3.49 14.72
N THR A 109 15.58 2.97 15.85
CA THR A 109 15.15 3.44 17.16
C THR A 109 16.20 4.36 17.78
N LYS A 110 15.82 5.04 18.85
CA LYS A 110 16.73 5.96 19.54
C LYS A 110 16.95 5.51 20.99
N VAL A 111 17.59 6.37 21.78
CA VAL A 111 17.85 6.07 23.18
C VAL A 111 16.57 5.70 23.91
N LYS A 112 16.63 4.62 24.69
CA LYS A 112 15.47 4.16 25.46
C LYS A 112 15.89 3.68 26.84
N ASN A 113 16.85 4.38 27.45
CA ASN A 113 17.34 4.02 28.77
C ASN A 113 16.56 4.76 29.85
N LYS A 114 16.69 4.28 31.09
CA LYS A 114 16.00 4.89 32.22
C LYS A 114 16.94 5.82 32.99
N PRO A 115 16.44 7.01 33.33
CA PRO A 115 17.21 8.01 34.08
C PRO A 115 17.47 7.59 35.52
N LYS A 116 18.73 7.60 35.93
CA LYS A 116 19.11 7.23 37.28
C LYS A 116 20.38 7.94 37.72
N GLY A 117 20.68 7.88 39.01
CA GLY A 117 21.86 8.53 39.54
C GLY A 117 21.77 8.80 41.02
N LYS A 118 22.87 8.55 41.73
CA LYS A 118 22.91 8.77 43.17
C LYS A 118 24.34 8.72 43.69
N LYS A 119 25.02 7.61 43.43
CA LYS A 119 26.40 7.44 43.87
C LYS A 119 27.36 8.22 42.98
N GLY A 120 26.95 8.43 41.73
CA GLY A 120 27.79 9.16 40.78
C GLY A 120 27.74 10.66 41.01
N LYS A 121 26.66 11.12 41.64
CA LYS A 121 26.49 12.54 41.92
C LYS A 121 26.62 12.83 43.42
N GLY A 122 27.77 13.38 43.81
CA GLY A 122 28.00 13.69 45.21
C GLY A 122 29.11 14.70 45.40
N LYS A 123 29.83 14.58 46.51
CA LYS A 123 30.93 15.49 46.81
C LYS A 123 30.42 16.93 46.96
N GLY A 124 31.29 17.81 47.42
CA GLY A 124 30.92 19.20 47.60
C GLY A 124 32.13 20.11 47.80
N ASN A 125 32.67 20.10 49.01
CA ASN A 125 33.83 20.92 49.33
C ASN A 125 35.12 20.24 48.89
N GLY A 1 10.34 -24.86 -45.13
CA GLY A 1 9.74 -24.21 -43.99
C GLY A 1 8.47 -24.90 -43.52
N SER A 2 8.44 -26.23 -43.68
CA SER A 2 7.28 -27.01 -43.27
C SER A 2 7.33 -27.31 -41.77
N LYS A 3 6.19 -27.69 -41.21
CA LYS A 3 6.09 -28.00 -39.79
C LYS A 3 4.69 -28.49 -39.43
N ASN A 4 4.53 -28.97 -38.21
CA ASN A 4 3.24 -29.46 -37.74
C ASN A 4 2.68 -28.57 -36.64
N LYS A 5 2.21 -27.38 -37.03
CA LYS A 5 1.65 -26.44 -36.07
C LYS A 5 0.12 -26.54 -36.04
N LYS A 6 -0.38 -27.56 -35.35
CA LYS A 6 -1.81 -27.77 -35.23
C LYS A 6 -2.13 -28.82 -34.18
N GLU A 7 -3.30 -28.71 -33.55
CA GLU A 7 -3.71 -29.65 -32.53
C GLU A 7 -5.23 -29.58 -32.31
N LYS A 8 -5.81 -30.72 -31.94
CA LYS A 8 -7.24 -30.80 -31.69
C LYS A 8 -7.64 -32.19 -31.19
N ASN A 9 -7.83 -32.29 -29.88
CA ASN A 9 -8.22 -33.57 -29.27
C ASN A 9 -9.60 -33.47 -28.64
N LYS A 10 -10.51 -34.34 -29.07
CA LYS A 10 -11.87 -34.36 -28.55
C LYS A 10 -12.46 -35.77 -28.61
N GLY A 11 -13.07 -36.21 -27.51
CA GLY A 11 -13.66 -37.53 -27.47
C GLY A 11 -14.92 -37.57 -26.64
N GLY A 12 -16.07 -37.69 -27.30
CA GLY A 12 -17.33 -37.74 -26.59
C GLY A 12 -18.41 -36.94 -27.29
N LYS A 13 -19.53 -37.59 -27.59
CA LYS A 13 -20.64 -36.92 -28.26
C LYS A 13 -21.96 -37.20 -27.54
N GLY A 14 -23.05 -36.64 -28.06
CA GLY A 14 -24.35 -36.84 -27.45
C GLY A 14 -24.54 -35.99 -26.21
N GLY A 15 -25.34 -34.92 -26.34
CA GLY A 15 -25.58 -34.04 -25.22
C GLY A 15 -25.46 -32.58 -25.60
N ALA A 16 -25.54 -31.71 -24.60
CA ALA A 16 -25.43 -30.27 -24.83
C ALA A 16 -25.14 -29.53 -23.54
N ASP A 17 -23.98 -29.81 -22.95
CA ASP A 17 -23.57 -29.15 -21.71
C ASP A 17 -22.11 -29.46 -21.39
N CYS A 18 -21.26 -28.45 -21.53
CA CYS A 18 -19.83 -28.61 -21.25
C CYS A 18 -19.59 -28.96 -19.79
N ALA A 19 -19.08 -30.16 -19.56
CA ALA A 19 -18.80 -30.61 -18.20
C ALA A 19 -17.87 -29.65 -17.47
N GLU A 20 -17.09 -28.90 -18.24
CA GLU A 20 -16.15 -27.94 -17.67
C GLU A 20 -16.31 -26.57 -18.33
N TRP A 21 -17.14 -25.72 -17.73
CA TRP A 21 -17.37 -24.38 -18.26
C TRP A 21 -16.18 -23.47 -17.99
N LEU A 22 -15.77 -22.73 -19.02
CA LEU A 22 -14.63 -21.83 -18.89
C LEU A 22 -15.10 -20.38 -18.92
N TYR A 23 -15.03 -19.71 -17.77
CA TYR A 23 -15.45 -18.32 -17.67
C TYR A 23 -14.46 -17.51 -16.81
N GLY A 24 -14.55 -16.19 -16.91
CA GLY A 24 -13.67 -15.33 -16.14
C GLY A 24 -14.20 -13.92 -16.02
N SER A 25 -14.83 -13.43 -17.08
CA SER A 25 -15.37 -12.08 -17.09
C SER A 25 -16.72 -12.03 -16.37
N CYS A 26 -16.91 -10.99 -15.57
CA CYS A 26 -18.15 -10.83 -14.82
C CYS A 26 -18.95 -9.64 -15.34
N VAL A 27 -20.20 -9.89 -15.69
CA VAL A 27 -21.08 -8.84 -16.21
C VAL A 27 -22.16 -8.47 -15.19
N ALA A 28 -22.29 -7.17 -14.93
CA ALA A 28 -23.28 -6.69 -13.98
C ALA A 28 -24.63 -6.48 -14.65
N ASN A 29 -25.63 -7.21 -14.20
CA ASN A 29 -26.98 -7.10 -14.76
C ASN A 29 -27.98 -6.68 -13.69
N ASN A 30 -27.64 -5.65 -12.94
CA ASN A 30 -28.51 -5.15 -11.88
C ASN A 30 -27.88 -3.96 -11.16
N GLY A 31 -26.55 -4.00 -11.03
CA GLY A 31 -25.84 -2.93 -10.37
C GLY A 31 -24.39 -2.85 -10.78
N ASP A 32 -23.84 -1.64 -10.80
CA ASP A 32 -22.44 -1.44 -11.19
C ASP A 32 -21.54 -2.42 -10.47
N CYS A 33 -21.81 -2.67 -9.19
CA CYS A 33 -21.02 -3.59 -8.40
C CYS A 33 -21.92 -4.45 -7.50
N GLY A 34 -21.38 -5.58 -7.04
CA GLY A 34 -22.15 -6.46 -6.18
C GLY A 34 -22.62 -7.70 -6.90
N GLN A 35 -23.65 -8.34 -6.35
CA GLN A 35 -24.20 -9.56 -6.95
C GLN A 35 -24.73 -9.28 -8.35
N GLY A 36 -24.12 -9.93 -9.34
CA GLY A 36 -24.54 -9.74 -10.72
C GLY A 36 -24.65 -11.05 -11.48
N MET A 37 -23.82 -11.19 -12.51
CA MET A 37 -23.82 -12.40 -13.33
C MET A 37 -22.51 -12.55 -14.09
N ARG A 38 -22.28 -13.73 -14.64
CA ARG A 38 -21.05 -14.01 -15.38
C ARG A 38 -21.32 -14.97 -16.54
N GLU A 39 -20.91 -14.58 -17.73
CA GLU A 39 -21.11 -15.40 -18.93
C GLU A 39 -19.84 -16.17 -19.28
N GLY A 40 -19.99 -17.43 -19.65
CA GLY A 40 -18.85 -18.25 -20.01
C GLY A 40 -19.06 -19.01 -21.31
N THR A 41 -17.97 -19.25 -22.03
CA THR A 41 -18.05 -19.96 -23.30
C THR A 41 -17.14 -21.18 -23.29
N CYS A 42 -17.60 -22.26 -23.92
CA CYS A 42 -16.84 -23.50 -23.98
C CYS A 42 -16.96 -24.15 -25.35
N ASN A 43 -15.85 -24.16 -26.10
CA ASN A 43 -15.85 -24.75 -27.43
C ASN A 43 -16.77 -23.98 -28.38
N GLU A 44 -18.06 -24.25 -28.29
CA GLU A 44 -19.04 -23.59 -29.13
C GLU A 44 -20.37 -23.40 -28.40
N GLN A 45 -20.30 -23.30 -27.08
CA GLN A 45 -21.49 -23.13 -26.26
C GLN A 45 -21.28 -22.04 -25.22
N THR A 46 -22.37 -21.59 -24.61
CA THR A 46 -22.31 -20.55 -23.59
C THR A 46 -22.95 -21.01 -22.29
N ARG A 47 -22.64 -20.31 -21.20
CA ARG A 47 -23.19 -20.66 -19.90
C ARG A 47 -23.44 -19.40 -19.07
N LYS A 48 -24.34 -19.51 -18.09
CA LYS A 48 -24.67 -18.39 -17.24
C LYS A 48 -24.55 -18.76 -15.77
N VAL A 49 -23.91 -17.91 -14.98
CA VAL A 49 -23.72 -18.16 -13.55
C VAL A 49 -23.66 -16.85 -12.77
N LYS A 50 -24.23 -16.85 -11.58
CA LYS A 50 -24.23 -15.67 -10.72
C LYS A 50 -22.87 -15.47 -10.07
N CYS A 51 -22.30 -14.28 -10.26
CA CYS A 51 -21.00 -13.95 -9.68
C CYS A 51 -21.04 -12.60 -8.98
N ARG A 52 -19.95 -12.27 -8.29
CA ARG A 52 -19.86 -11.00 -7.57
C ARG A 52 -19.04 -9.99 -8.36
N VAL A 53 -19.42 -8.72 -8.25
CA VAL A 53 -18.72 -7.66 -8.96
C VAL A 53 -18.01 -6.72 -7.98
N PRO A 54 -16.93 -7.22 -7.37
CA PRO A 54 -16.14 -6.45 -6.40
C PRO A 54 -15.37 -5.31 -7.06
N CYS A 55 -15.83 -4.08 -6.83
CA CYS A 55 -15.17 -2.91 -7.40
C CYS A 55 -13.99 -2.47 -6.54
N ASN A 56 -12.80 -2.49 -7.12
CA ASN A 56 -11.59 -2.10 -6.41
C ASN A 56 -10.36 -2.24 -7.30
N TRP A 57 -10.38 -3.25 -8.17
CA TRP A 57 -9.27 -3.50 -9.07
C TRP A 57 -9.41 -2.67 -10.34
N LYS A 58 -8.27 -2.31 -10.94
CA LYS A 58 -8.27 -1.51 -12.16
C LYS A 58 -6.84 -1.31 -12.67
N LYS A 59 -6.00 -0.76 -11.81
CA LYS A 59 -4.60 -0.51 -12.17
C LYS A 59 -3.66 -1.44 -11.40
N GLU A 60 -2.36 -1.24 -11.58
CA GLU A 60 -1.36 -2.06 -10.90
C GLU A 60 -0.86 -1.37 -9.64
N PHE A 61 -0.40 -0.13 -9.79
CA PHE A 61 0.11 0.64 -8.66
C PHE A 61 1.23 -0.11 -7.95
N GLY A 62 1.96 -0.93 -8.71
CA GLY A 62 3.04 -1.70 -8.13
C GLY A 62 2.58 -2.65 -7.05
N ALA A 63 1.30 -3.05 -7.12
CA ALA A 63 0.73 -3.96 -6.14
C ALA A 63 -0.24 -4.93 -6.80
N ASP A 64 -0.13 -6.21 -6.44
CA ASP A 64 -1.00 -7.24 -7.00
C ASP A 64 -2.06 -7.64 -5.99
N CYS A 65 -1.63 -8.18 -4.86
CA CYS A 65 -2.54 -8.61 -3.81
C CYS A 65 -2.26 -7.88 -2.49
N LYS A 66 -3.31 -7.38 -1.87
CA LYS A 66 -3.17 -6.66 -0.60
C LYS A 66 -3.01 -7.64 0.57
N TYR A 67 -2.25 -7.22 1.57
CA TYR A 67 -2.01 -8.05 2.75
C TYR A 67 -2.54 -7.39 4.01
N LYS A 68 -2.54 -8.13 5.12
CA LYS A 68 -3.00 -7.61 6.39
C LYS A 68 -1.83 -7.35 7.34
N PHE A 69 -1.38 -6.11 7.39
CA PHE A 69 -0.27 -5.73 8.26
C PHE A 69 -0.77 -5.35 9.64
N GLY A 70 0.07 -5.58 10.66
CA GLY A 70 -0.30 -5.26 12.03
C GLY A 70 0.01 -3.82 12.38
N ASN A 71 1.29 -3.54 12.63
CA ASN A 71 1.72 -2.20 12.99
C ASN A 71 3.24 -2.13 13.14
N TRP A 72 3.94 -2.85 12.26
CA TRP A 72 5.40 -2.88 12.30
C TRP A 72 5.90 -3.53 13.58
N GLY A 73 7.06 -4.18 13.50
CA GLY A 73 7.63 -4.83 14.66
C GLY A 73 8.58 -3.93 15.43
N GLU A 74 9.47 -4.54 16.20
CA GLU A 74 10.44 -3.78 16.99
C GLU A 74 11.60 -3.31 16.12
N CYS A 75 11.92 -2.02 16.21
CA CYS A 75 13.01 -1.44 15.44
C CYS A 75 14.35 -1.68 16.12
N ASP A 76 15.29 -2.27 15.40
CA ASP A 76 16.61 -2.54 15.94
C ASP A 76 17.62 -1.49 15.49
N ALA A 77 18.03 -0.64 16.41
CA ALA A 77 18.99 0.42 16.11
C ALA A 77 20.31 -0.16 15.61
N ALA A 78 20.53 -1.44 15.91
CA ALA A 78 21.76 -2.12 15.49
C ALA A 78 21.79 -2.28 13.98
N THR A 79 20.62 -2.29 13.34
CA THR A 79 20.53 -2.45 11.90
C THR A 79 19.76 -1.29 11.28
N SER A 80 19.23 -0.41 12.12
CA SER A 80 18.48 0.74 11.65
C SER A 80 17.37 0.30 10.69
N THR A 81 16.80 -0.87 10.95
CA THR A 81 15.73 -1.39 10.10
C THR A 81 14.76 -2.24 10.92
N LYS A 82 13.48 -2.12 10.60
CA LYS A 82 12.44 -2.87 11.30
C LYS A 82 11.87 -3.97 10.41
N SER A 83 11.32 -5.01 11.03
CA SER A 83 10.74 -6.12 10.30
C SER A 83 9.26 -6.30 10.64
N ARG A 84 8.49 -6.81 9.70
CA ARG A 84 7.07 -7.03 9.91
C ARG A 84 6.55 -8.15 9.00
N THR A 85 5.55 -8.89 9.49
CA THR A 85 4.97 -9.98 8.72
C THR A 85 3.52 -9.69 8.38
N GLY A 86 3.20 -9.74 7.09
CA GLY A 86 1.85 -9.48 6.64
C GLY A 86 1.09 -10.75 6.31
N THR A 87 -0.14 -10.84 6.80
CA THR A 87 -0.96 -12.02 6.56
C THR A 87 -1.85 -11.83 5.33
N LEU A 88 -1.75 -12.75 4.38
CA LEU A 88 -2.55 -12.69 3.17
C LEU A 88 -4.04 -12.73 3.48
N GLN A 89 -4.80 -11.86 2.82
CA GLN A 89 -6.24 -11.81 3.04
C GLN A 89 -6.99 -12.67 2.02
N LYS A 90 -7.07 -12.17 0.79
CA LYS A 90 -7.75 -12.89 -0.28
C LYS A 90 -7.05 -12.65 -1.62
N ALA A 91 -7.29 -13.55 -2.57
CA ALA A 91 -6.69 -13.43 -3.90
C ALA A 91 -7.67 -12.81 -4.88
N LEU A 92 -7.32 -11.64 -5.39
CA LEU A 92 -8.16 -10.93 -6.36
C LEU A 92 -7.69 -11.19 -7.78
N PHE A 93 -7.50 -12.46 -8.13
CA PHE A 93 -7.05 -12.83 -9.47
C PHE A 93 -5.80 -12.05 -9.85
N ASN A 94 -4.99 -11.72 -8.85
CA ASN A 94 -3.75 -10.98 -9.09
C ASN A 94 -2.53 -11.86 -8.87
N VAL A 95 -2.43 -12.92 -9.67
CA VAL A 95 -1.31 -13.85 -9.57
C VAL A 95 -1.32 -14.58 -8.23
N GLU A 96 -0.72 -15.77 -8.21
CA GLU A 96 -0.67 -16.58 -7.00
C GLU A 96 0.29 -15.96 -5.98
N CYS A 97 -0.24 -15.58 -4.83
CA CYS A 97 0.57 -14.98 -3.77
C CYS A 97 0.87 -15.99 -2.67
N GLN A 98 2.02 -15.83 -2.02
CA GLN A 98 2.42 -16.73 -0.94
C GLN A 98 1.46 -16.61 0.24
N GLN A 99 1.37 -17.68 1.03
CA GLN A 99 0.49 -17.70 2.20
C GLN A 99 0.76 -16.49 3.09
N THR A 100 2.03 -16.13 3.22
CA THR A 100 2.42 -14.99 4.05
C THR A 100 3.66 -14.30 3.49
N VAL A 101 3.82 -13.02 3.82
CA VAL A 101 4.96 -12.25 3.36
C VAL A 101 5.52 -11.36 4.46
N SER A 102 6.71 -10.83 4.24
CA SER A 102 7.35 -9.96 5.22
C SER A 102 7.75 -8.63 4.59
N VAL A 103 7.93 -7.62 5.44
CA VAL A 103 8.31 -6.29 4.96
C VAL A 103 9.39 -5.68 5.86
N THR A 104 10.07 -4.66 5.34
CA THR A 104 11.12 -3.99 6.09
C THR A 104 11.06 -2.48 5.89
N LYS A 105 11.50 -1.73 6.90
CA LYS A 105 11.50 -0.27 6.84
C LYS A 105 12.68 0.30 7.60
N PRO A 106 13.18 1.46 7.15
CA PRO A 106 14.32 2.14 7.78
C PRO A 106 13.95 2.73 9.14
N CYS A 107 13.81 1.86 10.14
CA CYS A 107 13.47 2.30 11.49
C CYS A 107 14.55 1.90 12.48
N THR A 108 14.76 2.74 13.49
CA THR A 108 15.77 2.48 14.50
C THR A 108 15.24 2.77 15.90
N THR A 109 15.58 1.91 16.85
CA THR A 109 15.13 2.08 18.23
C THR A 109 16.01 1.28 19.19
N LYS A 110 16.56 1.96 20.19
CA LYS A 110 17.41 1.32 21.18
C LYS A 110 17.79 2.29 22.29
N VAL A 111 17.96 1.77 23.50
CA VAL A 111 18.33 2.60 24.65
C VAL A 111 19.57 3.43 24.35
N LYS A 112 19.49 4.72 24.68
CA LYS A 112 20.61 5.63 24.45
C LYS A 112 21.67 5.47 25.52
N ASN A 113 22.93 5.73 25.14
CA ASN A 113 24.05 5.60 26.07
C ASN A 113 25.08 6.71 25.83
N LYS A 114 25.39 7.44 26.90
CA LYS A 114 26.36 8.53 26.81
C LYS A 114 27.78 7.99 26.60
N PRO A 115 28.68 8.85 26.11
CA PRO A 115 30.07 8.47 25.86
C PRO A 115 30.85 8.25 27.15
N LYS A 116 30.59 9.08 28.15
CA LYS A 116 31.26 8.96 29.44
C LYS A 116 30.95 7.62 30.10
N GLY A 117 31.93 7.08 30.82
CA GLY A 117 31.74 5.81 31.49
C GLY A 117 32.87 4.83 31.22
N LYS A 118 34.10 5.31 31.36
CA LYS A 118 35.28 4.47 31.13
C LYS A 118 36.32 4.67 32.23
N LYS A 119 37.30 3.78 32.28
CA LYS A 119 38.35 3.86 33.28
C LYS A 119 39.05 5.22 33.22
N GLY A 120 39.30 5.70 32.01
CA GLY A 120 39.96 6.99 31.85
C GLY A 120 39.16 8.12 32.45
N LYS A 121 37.84 8.10 32.25
CA LYS A 121 36.97 9.14 32.78
C LYS A 121 37.20 10.47 32.06
N GLY A 122 38.30 11.12 32.40
CA GLY A 122 38.62 12.40 31.78
C GLY A 122 40.11 12.70 31.79
N LYS A 123 40.51 13.63 32.66
CA LYS A 123 41.91 14.00 32.77
C LYS A 123 42.38 13.96 34.22
N GLY A 124 43.67 13.69 34.42
CA GLY A 124 44.20 13.63 35.76
C GLY A 124 45.72 13.57 35.78
N ASN A 125 46.31 13.83 36.94
CA ASN A 125 47.76 13.82 37.08
C ASN A 125 48.18 13.16 38.39
N GLY A 1 -42.95 -34.21 -25.71
CA GLY A 1 -42.56 -34.37 -24.32
C GLY A 1 -42.89 -33.16 -23.47
N SER A 2 -43.55 -33.39 -22.34
CA SER A 2 -43.92 -32.31 -21.45
C SER A 2 -43.31 -32.50 -20.05
N LYS A 3 -42.15 -31.90 -19.84
CA LYS A 3 -41.46 -32.00 -18.56
C LYS A 3 -40.99 -30.63 -18.08
N ASN A 4 -40.18 -29.97 -18.89
CA ASN A 4 -39.66 -28.65 -18.55
C ASN A 4 -40.80 -27.65 -18.34
N LYS A 5 -40.67 -26.81 -17.32
CA LYS A 5 -41.69 -25.82 -17.02
C LYS A 5 -41.10 -24.68 -16.19
N LYS A 6 -40.64 -25.00 -14.99
CA LYS A 6 -40.06 -24.01 -14.09
C LYS A 6 -38.74 -24.51 -13.53
N GLU A 7 -37.76 -23.60 -13.42
CA GLU A 7 -36.45 -23.95 -12.90
C GLU A 7 -36.21 -23.27 -11.55
N LYS A 8 -34.99 -23.39 -11.04
CA LYS A 8 -34.63 -22.80 -9.76
C LYS A 8 -33.11 -22.77 -9.57
N ASN A 9 -32.51 -21.61 -9.78
CA ASN A 9 -31.07 -21.46 -9.63
C ASN A 9 -30.68 -21.34 -8.16
N LYS A 10 -29.37 -21.25 -7.91
CA LYS A 10 -28.87 -21.13 -6.55
C LYS A 10 -28.08 -19.83 -6.37
N GLY A 11 -27.84 -19.45 -5.12
CA GLY A 11 -27.10 -18.23 -4.85
C GLY A 11 -26.28 -18.34 -3.58
N GLY A 12 -24.95 -18.37 -3.72
CA GLY A 12 -24.09 -18.47 -2.57
C GLY A 12 -23.56 -17.11 -2.12
N LYS A 13 -24.45 -16.28 -1.60
CA LYS A 13 -24.06 -14.95 -1.14
C LYS A 13 -23.76 -14.96 0.36
N GLY A 14 -22.64 -14.34 0.73
CA GLY A 14 -22.25 -14.29 2.13
C GLY A 14 -22.74 -13.03 2.82
N GLY A 15 -21.80 -12.16 3.19
CA GLY A 15 -22.15 -10.92 3.86
C GLY A 15 -21.35 -10.70 5.12
N ALA A 16 -20.60 -9.61 5.16
CA ALA A 16 -19.78 -9.28 6.32
C ALA A 16 -20.35 -8.08 7.07
N ASP A 17 -21.01 -7.19 6.35
CA ASP A 17 -21.62 -6.00 6.95
C ASP A 17 -22.91 -5.63 6.24
N CYS A 18 -22.78 -5.06 5.04
CA CYS A 18 -23.94 -4.66 4.26
C CYS A 18 -24.51 -5.84 3.47
N ALA A 19 -23.64 -6.77 3.10
CA ALA A 19 -24.06 -7.94 2.36
C ALA A 19 -24.55 -7.56 0.96
N GLU A 20 -24.29 -6.32 0.57
CA GLU A 20 -24.71 -5.83 -0.74
C GLU A 20 -24.24 -4.40 -0.97
N TRP A 21 -22.92 -4.24 -1.07
CA TRP A 21 -22.33 -2.92 -1.30
C TRP A 21 -22.56 -2.46 -2.73
N LEU A 22 -23.16 -1.28 -2.87
CA LEU A 22 -23.43 -0.72 -4.20
C LEU A 22 -22.49 0.44 -4.50
N TYR A 23 -21.55 0.21 -5.42
CA TYR A 23 -20.59 1.24 -5.80
C TYR A 23 -20.99 1.89 -7.12
N GLY A 24 -20.35 3.02 -7.42
CA GLY A 24 -20.65 3.72 -8.66
C GLY A 24 -19.53 3.63 -9.68
N SER A 25 -18.92 4.76 -10.00
CA SER A 25 -17.83 4.79 -10.96
C SER A 25 -16.47 4.80 -10.26
N CYS A 26 -15.42 4.56 -11.02
CA CYS A 26 -14.06 4.52 -10.46
C CYS A 26 -13.31 5.82 -10.80
N VAL A 27 -12.60 6.35 -9.82
CA VAL A 27 -11.84 7.58 -10.01
C VAL A 27 -10.34 7.30 -10.03
N ALA A 28 -9.70 7.58 -11.16
CA ALA A 28 -8.27 7.36 -11.30
C ALA A 28 -7.48 8.32 -10.42
N ASN A 29 -6.51 7.76 -9.69
CA ASN A 29 -5.67 8.57 -8.79
C ASN A 29 -5.09 9.77 -9.54
N ASN A 30 -4.87 9.61 -10.83
CA ASN A 30 -4.31 10.68 -11.65
C ASN A 30 -5.42 11.55 -12.23
N GLY A 31 -5.07 12.41 -13.18
CA GLY A 31 -6.05 13.27 -13.80
C GLY A 31 -6.55 12.75 -15.13
N ASP A 32 -6.40 11.44 -15.33
CA ASP A 32 -6.84 10.81 -16.57
C ASP A 32 -7.28 9.37 -16.32
N CYS A 33 -6.30 8.48 -16.12
CA CYS A 33 -6.58 7.08 -15.88
C CYS A 33 -5.44 6.42 -15.12
N GLY A 34 -5.77 5.41 -14.32
CA GLY A 34 -4.76 4.71 -13.54
C GLY A 34 -5.31 4.15 -12.24
N GLN A 35 -4.44 3.52 -11.46
CA GLN A 35 -4.84 2.94 -10.19
C GLN A 35 -5.34 4.01 -9.22
N GLY A 36 -6.61 3.93 -8.84
CA GLY A 36 -7.17 4.90 -7.93
C GLY A 36 -8.06 4.26 -6.89
N MET A 37 -9.17 4.93 -6.57
CA MET A 37 -10.11 4.43 -5.58
C MET A 37 -11.54 4.65 -6.03
N ARG A 38 -12.47 3.90 -5.43
CA ARG A 38 -13.88 4.03 -5.77
C ARG A 38 -14.75 4.10 -4.51
N GLU A 39 -15.59 5.12 -4.43
CA GLU A 39 -16.47 5.31 -3.28
C GLU A 39 -17.86 4.75 -3.56
N GLY A 40 -18.24 3.72 -2.81
CA GLY A 40 -19.55 3.11 -3.00
C GLY A 40 -20.49 3.39 -1.83
N THR A 41 -21.79 3.40 -2.11
CA THR A 41 -22.79 3.66 -1.09
C THR A 41 -23.80 2.52 -1.01
N CYS A 42 -24.09 2.08 0.21
CA CYS A 42 -25.05 1.00 0.42
C CYS A 42 -26.17 1.44 1.34
N ASN A 43 -27.37 1.58 0.79
CA ASN A 43 -28.54 1.99 1.57
C ASN A 43 -28.33 3.38 2.15
N GLU A 44 -27.64 3.45 3.28
CA GLU A 44 -27.38 4.73 3.94
C GLU A 44 -25.96 4.76 4.52
N GLN A 45 -25.08 3.98 3.92
CA GLN A 45 -23.69 3.92 4.38
C GLN A 45 -22.73 4.05 3.20
N THR A 46 -21.46 4.32 3.51
CA THR A 46 -20.43 4.46 2.48
C THR A 46 -19.33 3.42 2.64
N ARG A 47 -18.66 3.10 1.54
CA ARG A 47 -17.58 2.13 1.56
C ARG A 47 -16.50 2.48 0.54
N LYS A 48 -15.24 2.32 0.93
CA LYS A 48 -14.12 2.62 0.05
C LYS A 48 -13.52 1.34 -0.51
N VAL A 49 -13.37 1.29 -1.83
CA VAL A 49 -12.79 0.12 -2.50
C VAL A 49 -11.75 0.53 -3.52
N LYS A 50 -10.70 -0.28 -3.64
CA LYS A 50 -9.63 0.00 -4.59
C LYS A 50 -9.90 -0.66 -5.93
N CYS A 51 -9.89 0.14 -6.99
CA CYS A 51 -10.13 -0.37 -8.34
C CYS A 51 -9.17 0.27 -9.34
N ARG A 52 -9.19 -0.23 -10.57
CA ARG A 52 -8.33 0.28 -11.63
C ARG A 52 -9.13 1.08 -12.64
N VAL A 53 -8.61 2.24 -13.02
CA VAL A 53 -9.27 3.11 -13.99
C VAL A 53 -8.49 3.18 -15.29
N PRO A 54 -8.63 2.13 -16.13
CA PRO A 54 -7.94 2.04 -17.41
C PRO A 54 -8.50 3.04 -18.43
N CYS A 55 -7.66 3.41 -19.40
CA CYS A 55 -8.08 4.35 -20.43
C CYS A 55 -8.83 3.65 -21.56
N ASN A 56 -10.07 4.06 -21.78
CA ASN A 56 -10.90 3.47 -22.82
C ASN A 56 -11.14 1.99 -22.55
N TRP A 57 -10.95 1.59 -21.29
CA TRP A 57 -11.16 0.20 -20.89
C TRP A 57 -10.38 -0.75 -21.81
N LYS A 58 -9.09 -0.91 -21.52
CA LYS A 58 -8.24 -1.79 -22.32
C LYS A 58 -7.61 -2.87 -21.44
N LYS A 59 -7.03 -3.88 -22.08
CA LYS A 59 -6.38 -4.97 -21.37
C LYS A 59 -5.39 -4.44 -20.35
N GLU A 60 -5.23 -5.18 -19.25
CA GLU A 60 -4.30 -4.78 -18.20
C GLU A 60 -3.64 -6.00 -17.57
N PHE A 61 -2.57 -5.76 -16.82
CA PHE A 61 -1.83 -6.83 -16.17
C PHE A 61 -1.42 -6.43 -14.75
N GLY A 62 -1.26 -7.43 -13.88
CA GLY A 62 -0.87 -7.16 -12.51
C GLY A 62 0.09 -8.21 -11.97
N ALA A 63 0.52 -8.02 -10.73
CA ALA A 63 1.44 -8.96 -10.09
C ALA A 63 1.50 -8.72 -8.58
N ASP A 64 1.66 -7.47 -8.18
CA ASP A 64 1.72 -7.12 -6.77
C ASP A 64 0.33 -7.09 -6.15
N CYS A 65 0.15 -7.86 -5.07
CA CYS A 65 -1.13 -7.92 -4.39
C CYS A 65 -1.04 -7.26 -3.01
N LYS A 66 -2.19 -6.88 -2.47
CA LYS A 66 -2.25 -6.25 -1.16
C LYS A 66 -2.24 -7.29 -0.05
N TYR A 67 -1.25 -7.20 0.83
CA TYR A 67 -1.12 -8.14 1.94
C TYR A 67 -1.75 -7.57 3.22
N LYS A 68 -1.93 -8.43 4.20
CA LYS A 68 -2.52 -8.02 5.48
C LYS A 68 -1.44 -7.85 6.54
N PHE A 69 -1.00 -6.61 6.75
CA PHE A 69 0.02 -6.31 7.73
C PHE A 69 -0.60 -6.03 9.10
N GLY A 70 -0.06 -6.67 10.13
CA GLY A 70 -0.58 -6.48 11.48
C GLY A 70 -0.02 -5.24 12.13
N ASN A 71 1.29 -5.20 12.32
CA ASN A 71 1.95 -4.06 12.94
C ASN A 71 3.46 -4.27 13.04
N TRP A 72 4.22 -3.33 12.48
CA TRP A 72 5.67 -3.42 12.50
C TRP A 72 6.19 -3.66 13.91
N GLY A 73 7.18 -4.53 14.03
CA GLY A 73 7.75 -4.84 15.33
C GLY A 73 8.40 -3.64 15.98
N GLU A 74 9.26 -3.88 16.96
CA GLU A 74 9.95 -2.81 17.66
C GLU A 74 11.13 -2.30 16.85
N CYS A 75 11.29 -0.98 16.81
CA CYS A 75 12.38 -0.36 16.05
C CYS A 75 13.66 -0.35 16.88
N ASP A 76 14.73 -0.91 16.31
CA ASP A 76 16.01 -0.97 16.98
C ASP A 76 16.95 0.12 16.48
N ALA A 77 17.12 1.18 17.27
CA ALA A 77 17.99 2.29 16.88
C ALA A 77 19.44 1.84 16.79
N ALA A 78 19.74 0.68 17.38
CA ALA A 78 21.09 0.15 17.36
C ALA A 78 21.46 -0.36 15.96
N THR A 79 20.46 -0.88 15.26
CA THR A 79 20.69 -1.40 13.91
C THR A 79 20.08 -0.48 12.85
N SER A 80 19.18 0.39 13.29
CA SER A 80 18.52 1.32 12.38
C SER A 80 17.68 0.57 11.34
N THR A 81 17.19 -0.61 11.73
CA THR A 81 16.37 -1.41 10.84
C THR A 81 15.39 -2.27 11.62
N LYS A 82 14.17 -2.37 11.12
CA LYS A 82 13.12 -3.17 11.77
C LYS A 82 12.61 -4.26 10.84
N SER A 83 12.17 -5.37 11.43
CA SER A 83 11.66 -6.49 10.66
C SER A 83 10.14 -6.61 10.81
N ARG A 84 9.50 -7.22 9.82
CA ARG A 84 8.05 -7.40 9.84
C ARG A 84 7.64 -8.61 9.01
N THR A 85 6.49 -9.19 9.36
CA THR A 85 5.98 -10.36 8.66
C THR A 85 4.56 -10.13 8.16
N GLY A 86 4.34 -10.41 6.87
CA GLY A 86 3.02 -10.22 6.29
C GLY A 86 2.41 -11.53 5.82
N THR A 87 1.09 -11.61 5.88
CA THR A 87 0.37 -12.82 5.45
C THR A 87 -0.71 -12.48 4.44
N LEU A 88 -0.92 -13.38 3.49
CA LEU A 88 -1.94 -13.18 2.46
C LEU A 88 -3.33 -13.58 2.97
N GLN A 89 -4.34 -12.85 2.53
CA GLN A 89 -5.71 -13.14 2.95
C GLN A 89 -6.70 -12.25 2.20
N LYS A 90 -6.30 -11.00 1.95
CA LYS A 90 -7.15 -10.05 1.24
C LYS A 90 -7.14 -10.33 -0.26
N ALA A 91 -8.31 -10.27 -0.88
CA ALA A 91 -8.44 -10.51 -2.31
C ALA A 91 -9.46 -9.57 -2.93
N LEU A 92 -9.02 -8.75 -3.88
CA LEU A 92 -9.90 -7.81 -4.56
C LEU A 92 -9.44 -7.57 -5.99
N PHE A 93 -8.76 -8.56 -6.57
CA PHE A 93 -8.27 -8.45 -7.93
C PHE A 93 -7.58 -9.75 -8.35
N ASN A 94 -7.65 -10.06 -9.65
CA ASN A 94 -7.03 -11.26 -10.18
C ASN A 94 -5.52 -11.22 -10.00
N VAL A 95 -5.03 -12.00 -9.04
CA VAL A 95 -3.59 -12.06 -8.77
C VAL A 95 -3.27 -13.11 -7.73
N GLU A 96 -2.22 -13.90 -7.98
CA GLU A 96 -1.81 -14.95 -7.07
C GLU A 96 -0.69 -14.47 -6.16
N CYS A 97 -0.70 -14.94 -4.91
CA CYS A 97 0.32 -14.55 -3.95
C CYS A 97 0.57 -15.67 -2.94
N GLN A 98 1.69 -15.58 -2.22
CA GLN A 98 2.02 -16.59 -1.22
C GLN A 98 1.24 -16.38 0.07
N GLN A 99 0.77 -17.48 0.66
CA GLN A 99 0.01 -17.42 1.89
C GLN A 99 0.74 -16.59 2.94
N THR A 100 2.06 -16.64 2.92
CA THR A 100 2.88 -15.90 3.88
C THR A 100 4.06 -15.24 3.19
N VAL A 101 4.49 -14.08 3.70
CA VAL A 101 5.62 -13.36 3.14
C VAL A 101 6.36 -12.59 4.22
N SER A 102 7.52 -12.03 3.86
CA SER A 102 8.33 -11.27 4.80
C SER A 102 8.32 -9.79 4.44
N VAL A 103 8.54 -8.95 5.46
CA VAL A 103 8.56 -7.51 5.26
C VAL A 103 9.69 -6.86 6.05
N THR A 104 10.33 -5.86 5.45
CA THR A 104 11.43 -5.16 6.10
C THR A 104 11.38 -3.66 5.79
N LYS A 105 11.70 -2.85 6.79
CA LYS A 105 11.70 -1.40 6.63
C LYS A 105 12.72 -0.74 7.56
N PRO A 106 13.50 0.19 7.01
CA PRO A 106 14.53 0.91 7.77
C PRO A 106 13.93 1.87 8.79
N CYS A 107 14.22 1.62 10.07
CA CYS A 107 13.71 2.46 11.14
C CYS A 107 14.71 2.55 12.29
N THR A 108 14.79 3.71 12.92
CA THR A 108 15.70 3.92 14.04
C THR A 108 15.02 4.68 15.17
N THR A 109 15.06 4.10 16.36
CA THR A 109 14.45 4.72 17.54
C THR A 109 15.34 5.81 18.12
N LYS A 110 15.29 6.99 17.53
CA LYS A 110 16.10 8.12 17.99
C LYS A 110 17.57 7.84 17.79
N VAL A 111 18.37 8.90 17.69
CA VAL A 111 19.81 8.76 17.49
C VAL A 111 20.42 7.85 18.56
N LYS A 112 21.38 7.04 18.14
CA LYS A 112 22.06 6.12 19.05
C LYS A 112 22.58 6.86 20.29
N ASN A 113 23.35 7.92 20.06
CA ASN A 113 23.92 8.70 21.14
C ASN A 113 24.25 10.12 20.68
N LYS A 114 24.04 11.09 21.56
CA LYS A 114 24.31 12.48 21.25
C LYS A 114 25.82 12.76 21.26
N PRO A 115 26.21 13.86 20.61
CA PRO A 115 27.62 14.27 20.53
C PRO A 115 28.17 14.74 21.87
N LYS A 116 29.28 14.15 22.30
CA LYS A 116 29.90 14.51 23.57
C LYS A 116 31.41 14.27 23.52
N GLY A 117 32.17 15.24 24.00
CA GLY A 117 33.61 15.11 24.00
C GLY A 117 34.12 14.33 25.20
N LYS A 118 35.26 14.75 25.74
CA LYS A 118 35.86 14.07 26.89
C LYS A 118 36.70 15.05 27.71
N LYS A 119 36.27 15.31 28.94
CA LYS A 119 36.98 16.21 29.83
C LYS A 119 37.12 17.59 29.20
N GLY A 120 36.14 17.97 28.39
CA GLY A 120 36.16 19.27 27.74
C GLY A 120 37.45 19.50 26.97
N LYS A 121 37.69 18.68 25.94
CA LYS A 121 38.89 18.82 25.13
C LYS A 121 39.02 20.23 24.57
N GLY A 122 40.24 20.75 24.57
CA GLY A 122 40.48 22.08 24.05
C GLY A 122 41.69 22.74 24.67
N LYS A 123 41.73 24.07 24.64
CA LYS A 123 42.84 24.82 25.21
C LYS A 123 42.48 26.30 25.35
N GLY A 124 43.44 27.09 25.82
CA GLY A 124 43.21 28.51 25.99
C GLY A 124 44.43 29.35 25.67
N ASN A 125 44.26 30.66 25.67
CA ASN A 125 45.36 31.58 25.38
C ASN A 125 45.41 32.72 26.39
N GLY A 1 63.62 18.97 46.84
CA GLY A 1 62.36 18.98 46.11
C GLY A 1 61.72 17.61 46.04
N SER A 2 60.61 17.51 45.31
CA SER A 2 59.89 16.25 45.18
C SER A 2 59.52 16.00 43.73
N LYS A 3 59.05 14.79 43.44
CA LYS A 3 58.65 14.41 42.10
C LYS A 3 57.32 15.04 41.73
N ASN A 4 57.18 15.42 40.46
CA ASN A 4 55.94 16.04 39.98
C ASN A 4 55.09 15.02 39.22
N LYS A 5 53.80 15.33 39.09
CA LYS A 5 52.88 14.44 38.39
C LYS A 5 51.85 15.25 37.61
N LYS A 6 51.85 15.10 36.29
CA LYS A 6 50.90 15.81 35.44
C LYS A 6 49.85 14.86 34.88
N GLU A 7 48.58 15.22 35.05
CA GLU A 7 47.48 14.39 34.56
C GLU A 7 47.50 14.31 33.04
N LYS A 8 46.58 13.55 32.48
CA LYS A 8 46.48 13.38 31.04
C LYS A 8 45.03 13.16 30.60
N ASN A 9 44.63 13.86 29.54
CA ASN A 9 43.27 13.73 29.03
C ASN A 9 42.25 14.18 30.08
N LYS A 10 41.77 15.41 29.95
CA LYS A 10 40.80 15.96 30.88
C LYS A 10 39.52 16.36 30.15
N GLY A 11 38.46 16.62 30.92
CA GLY A 11 37.20 17.01 30.33
C GLY A 11 36.58 18.21 31.01
N GLY A 12 35.29 18.12 31.32
CA GLY A 12 34.60 19.22 31.97
C GLY A 12 33.11 18.97 32.10
N LYS A 13 32.40 19.98 32.60
CA LYS A 13 30.94 19.87 32.77
C LYS A 13 30.22 20.36 31.53
N GLY A 14 28.97 19.93 31.36
CA GLY A 14 28.18 20.33 30.22
C GLY A 14 27.30 19.23 29.69
N GLY A 15 25.98 19.43 29.77
CA GLY A 15 25.05 18.43 29.31
C GLY A 15 24.44 18.79 27.96
N ALA A 16 23.44 18.00 27.54
CA ALA A 16 22.79 18.25 26.26
C ALA A 16 21.60 17.30 26.07
N ASP A 17 20.63 17.73 25.27
CA ASP A 17 19.45 16.91 25.01
C ASP A 17 19.84 15.61 24.32
N CYS A 18 18.84 14.75 24.09
CA CYS A 18 19.07 13.46 23.45
C CYS A 18 19.77 13.64 22.11
N ALA A 19 19.52 14.77 21.46
CA ALA A 19 20.11 15.06 20.17
C ALA A 19 19.68 14.06 19.11
N GLU A 20 19.74 14.47 17.85
CA GLU A 20 19.35 13.60 16.74
C GLU A 20 18.15 12.74 17.13
N TRP A 21 17.11 13.39 17.65
CA TRP A 21 15.90 12.69 18.05
C TRP A 21 15.27 11.96 16.88
N LEU A 22 14.87 10.71 17.10
CA LEU A 22 14.26 9.91 16.06
C LEU A 22 12.75 9.79 16.28
N TYR A 23 11.98 10.41 15.40
CA TYR A 23 10.53 10.37 15.49
C TYR A 23 9.93 9.42 14.46
N GLY A 24 8.65 9.09 14.63
CA GLY A 24 7.99 8.21 13.70
C GLY A 24 7.07 8.94 12.74
N SER A 25 5.85 8.45 12.60
CA SER A 25 4.86 9.06 11.71
C SER A 25 4.47 10.44 12.22
N CYS A 26 3.80 11.21 11.36
CA CYS A 26 3.35 12.55 11.72
C CYS A 26 1.85 12.57 12.02
N VAL A 27 1.48 13.23 13.11
CA VAL A 27 0.09 13.32 13.52
C VAL A 27 -0.46 14.72 13.31
N ALA A 28 -1.39 14.85 12.37
CA ALA A 28 -2.00 16.15 12.07
C ALA A 28 -2.78 16.67 13.26
N ASN A 29 -2.78 17.99 13.43
CA ASN A 29 -3.50 18.63 14.53
C ASN A 29 -4.95 18.16 14.59
N ASN A 30 -5.76 18.64 13.65
CA ASN A 30 -7.17 18.27 13.59
C ASN A 30 -7.70 18.37 12.16
N GLY A 31 -7.42 17.34 11.37
CA GLY A 31 -7.87 17.34 9.99
C GLY A 31 -7.57 16.02 9.29
N ASP A 32 -6.66 16.05 8.33
CA ASP A 32 -6.29 14.86 7.58
C ASP A 32 -4.85 14.94 7.12
N CYS A 33 -4.44 16.11 6.64
CA CYS A 33 -3.08 16.32 6.16
C CYS A 33 -2.69 17.79 6.26
N GLY A 34 -1.40 18.04 6.47
CA GLY A 34 -0.92 19.41 6.58
C GLY A 34 0.12 19.57 7.67
N GLN A 35 0.44 20.82 8.01
CA GLN A 35 1.43 21.10 9.04
C GLN A 35 0.83 20.91 10.42
N GLY A 36 1.37 19.95 11.17
CA GLY A 36 0.88 19.69 12.51
C GLY A 36 2.00 19.40 13.49
N MET A 37 1.84 18.32 14.26
CA MET A 37 2.85 17.94 15.24
C MET A 37 3.23 16.47 15.08
N ARG A 38 4.37 16.08 15.66
CA ARG A 38 4.84 14.71 15.59
C ARG A 38 5.51 14.28 16.88
N GLU A 39 5.07 13.15 17.42
CA GLU A 39 5.63 12.64 18.67
C GLU A 39 6.65 11.54 18.41
N GLY A 40 7.91 11.80 18.77
CA GLY A 40 8.95 10.82 18.56
C GLY A 40 9.61 10.39 19.86
N THR A 41 10.37 9.30 19.80
CA THR A 41 11.06 8.78 20.98
C THR A 41 12.56 8.69 20.74
N CYS A 42 13.33 8.96 21.79
CA CYS A 42 14.78 8.91 21.71
C CYS A 42 15.39 8.29 22.96
N ASN A 43 15.96 7.10 22.81
CA ASN A 43 16.57 6.39 23.94
C ASN A 43 15.50 5.93 24.93
N GLU A 44 14.98 6.87 25.71
CA GLU A 44 13.96 6.55 26.70
C GLU A 44 13.11 7.78 27.02
N GLN A 45 13.08 8.73 26.08
CA GLN A 45 12.31 9.95 26.27
C GLN A 45 11.50 10.29 25.03
N THR A 46 10.53 11.19 25.17
CA THR A 46 9.69 11.59 24.06
C THR A 46 9.86 13.07 23.73
N ARG A 47 9.59 13.43 22.48
CA ARG A 47 9.73 14.81 22.04
C ARG A 47 8.67 15.15 20.98
N LYS A 48 8.42 16.44 20.79
CA LYS A 48 7.45 16.89 19.81
C LYS A 48 8.11 17.80 18.77
N VAL A 49 7.75 17.59 17.51
CA VAL A 49 8.30 18.38 16.41
C VAL A 49 7.28 18.59 15.31
N LYS A 50 7.30 19.78 14.71
CA LYS A 50 6.37 20.10 13.63
C LYS A 50 6.91 19.63 12.29
N CYS A 51 6.06 18.94 11.53
CA CYS A 51 6.44 18.41 10.22
C CYS A 51 5.34 18.67 9.19
N ARG A 52 5.65 18.39 7.93
CA ARG A 52 4.69 18.59 6.85
C ARG A 52 4.13 17.26 6.37
N VAL A 53 2.81 17.09 6.49
CA VAL A 53 2.16 15.86 6.06
C VAL A 53 1.30 16.10 4.83
N PRO A 54 1.87 15.81 3.65
CA PRO A 54 1.18 15.98 2.37
C PRO A 54 0.06 14.97 2.18
N CYS A 55 -0.95 15.35 1.41
CA CYS A 55 -2.10 14.48 1.15
C CYS A 55 -1.79 13.50 0.01
N ASN A 56 -1.78 12.22 0.32
CA ASN A 56 -1.50 11.19 -0.67
C ASN A 56 -1.43 9.81 -0.03
N TRP A 57 -0.31 9.53 0.63
CA TRP A 57 -0.11 8.24 1.29
C TRP A 57 -0.15 7.10 0.29
N LYS A 58 -1.35 6.64 -0.06
CA LYS A 58 -1.52 5.55 -1.00
C LYS A 58 -1.93 6.09 -2.38
N LYS A 59 -1.70 5.29 -3.42
CA LYS A 59 -2.04 5.68 -4.77
C LYS A 59 -1.99 4.49 -5.71
N GLU A 60 -2.41 4.69 -6.95
CA GLU A 60 -2.40 3.63 -7.95
C GLU A 60 -1.07 3.57 -8.68
N PHE A 61 -0.03 3.13 -7.97
CA PHE A 61 1.30 3.03 -8.55
C PHE A 61 1.73 1.56 -8.66
N GLY A 62 1.26 0.74 -7.74
CA GLY A 62 1.60 -0.67 -7.75
C GLY A 62 1.30 -1.35 -6.43
N ALA A 63 0.11 -1.90 -6.31
CA ALA A 63 -0.30 -2.58 -5.09
C ALA A 63 0.35 -3.96 -4.98
N ASP A 64 0.45 -4.64 -6.13
CA ASP A 64 1.05 -5.96 -6.17
C ASP A 64 0.16 -6.99 -5.48
N CYS A 65 0.16 -6.96 -4.15
CA CYS A 65 -0.65 -7.89 -3.37
C CYS A 65 -1.08 -7.25 -2.05
N LYS A 66 -2.33 -7.48 -1.67
CA LYS A 66 -2.88 -6.94 -0.43
C LYS A 66 -2.59 -7.86 0.74
N TYR A 67 -2.30 -7.28 1.89
CA TYR A 67 -2.00 -8.05 3.10
C TYR A 67 -2.45 -7.31 4.35
N LYS A 68 -2.82 -8.07 5.38
CA LYS A 68 -3.26 -7.48 6.64
C LYS A 68 -2.09 -7.23 7.57
N PHE A 69 -1.60 -5.99 7.57
CA PHE A 69 -0.47 -5.61 8.42
C PHE A 69 -0.96 -5.14 9.79
N GLY A 70 -0.34 -5.67 10.84
CA GLY A 70 -0.71 -5.30 12.19
C GLY A 70 0.44 -4.67 12.96
N ASN A 71 0.48 -3.35 12.98
CA ASN A 71 1.53 -2.62 13.68
C ASN A 71 2.91 -3.05 13.19
N TRP A 72 3.95 -2.51 13.81
CA TRP A 72 5.33 -2.84 13.43
C TRP A 72 6.09 -3.43 14.61
N GLY A 73 6.95 -4.40 14.34
CA GLY A 73 7.73 -5.02 15.39
C GLY A 73 8.76 -4.08 15.98
N GLU A 74 9.78 -4.66 16.62
CA GLU A 74 10.84 -3.86 17.23
C GLU A 74 11.84 -3.38 16.18
N CYS A 75 12.11 -2.08 16.18
CA CYS A 75 13.05 -1.50 15.23
C CYS A 75 14.49 -1.65 15.72
N ASP A 76 15.36 -2.17 14.86
CA ASP A 76 16.76 -2.37 15.21
C ASP A 76 17.63 -1.24 14.65
N ALA A 77 18.06 -0.34 15.52
CA ALA A 77 18.89 0.78 15.12
C ALA A 77 20.24 0.31 14.60
N ALA A 78 20.58 -0.94 14.92
CA ALA A 78 21.86 -1.52 14.48
C ALA A 78 21.87 -1.71 12.96
N THR A 79 20.70 -1.91 12.39
CA THR A 79 20.58 -2.12 10.95
C THR A 79 19.74 -1.03 10.30
N SER A 80 19.02 -0.27 11.14
CA SER A 80 18.17 0.80 10.63
C SER A 80 17.05 0.26 9.77
N THR A 81 16.54 -0.91 10.14
CA THR A 81 15.46 -1.55 9.39
C THR A 81 14.57 -2.39 10.30
N LYS A 82 13.27 -2.34 10.07
CA LYS A 82 12.31 -3.11 10.86
C LYS A 82 11.73 -4.26 10.07
N SER A 83 11.24 -5.28 10.77
CA SER A 83 10.66 -6.44 10.11
C SER A 83 9.23 -6.68 10.62
N ARG A 84 8.40 -7.24 9.75
CA ARG A 84 7.01 -7.53 10.11
C ARG A 84 6.46 -8.69 9.27
N THR A 85 5.26 -9.12 9.59
CA THR A 85 4.62 -10.22 8.88
C THR A 85 3.18 -9.89 8.52
N GLY A 86 2.87 -9.95 7.23
CA GLY A 86 1.52 -9.65 6.78
C GLY A 86 0.75 -10.89 6.37
N THR A 87 -0.49 -11.00 6.84
CA THR A 87 -1.34 -12.15 6.52
C THR A 87 -2.19 -11.88 5.28
N LEU A 88 -2.20 -12.83 4.35
CA LEU A 88 -2.97 -12.69 3.13
C LEU A 88 -4.47 -12.77 3.43
N GLN A 89 -5.24 -11.92 2.75
CA GLN A 89 -6.69 -11.88 2.94
C GLN A 89 -7.42 -12.28 1.66
N LYS A 90 -6.99 -11.71 0.55
CA LYS A 90 -7.61 -12.01 -0.75
C LYS A 90 -6.56 -11.99 -1.86
N ALA A 91 -6.87 -12.64 -2.97
CA ALA A 91 -5.96 -12.68 -4.11
C ALA A 91 -6.41 -11.74 -5.22
N LEU A 92 -5.46 -10.99 -5.77
CA LEU A 92 -5.76 -10.04 -6.84
C LEU A 92 -5.52 -10.67 -8.21
N PHE A 93 -5.81 -11.96 -8.32
CA PHE A 93 -5.62 -12.67 -9.58
C PHE A 93 -4.21 -12.46 -10.12
N ASN A 94 -3.99 -12.88 -11.36
CA ASN A 94 -2.68 -12.75 -12.00
C ASN A 94 -1.68 -13.73 -11.40
N VAL A 95 -1.30 -13.49 -10.15
CA VAL A 95 -0.36 -14.35 -9.45
C VAL A 95 -0.82 -14.66 -8.04
N GLU A 96 -0.72 -15.93 -7.65
CA GLU A 96 -1.12 -16.35 -6.31
C GLU A 96 -0.15 -15.84 -5.26
N CYS A 97 -0.69 -15.48 -4.09
CA CYS A 97 0.12 -14.98 -3.00
C CYS A 97 0.25 -16.01 -1.88
N GLN A 98 1.41 -16.04 -1.24
CA GLN A 98 1.67 -16.99 -0.16
C GLN A 98 0.77 -16.69 1.04
N GLN A 99 0.49 -17.72 1.84
CA GLN A 99 -0.35 -17.56 3.01
C GLN A 99 0.14 -16.41 3.89
N THR A 100 1.45 -16.34 4.09
CA THR A 100 2.05 -15.31 4.91
C THR A 100 3.36 -14.81 4.30
N VAL A 101 3.68 -13.54 4.52
CA VAL A 101 4.90 -12.96 4.00
C VAL A 101 5.43 -11.87 4.93
N SER A 102 6.75 -11.75 5.00
CA SER A 102 7.38 -10.75 5.84
C SER A 102 7.62 -9.44 5.08
N VAL A 103 7.77 -8.35 5.82
CA VAL A 103 8.01 -7.05 5.21
C VAL A 103 9.16 -6.32 5.89
N THR A 104 9.63 -5.26 5.26
CA THR A 104 10.74 -4.48 5.80
C THR A 104 10.49 -2.98 5.62
N LYS A 105 11.03 -2.18 6.54
CA LYS A 105 10.87 -0.74 6.49
C LYS A 105 12.07 -0.03 7.10
N PRO A 106 12.42 1.15 6.56
CA PRO A 106 13.56 1.94 7.04
C PRO A 106 13.29 2.55 8.41
N CYS A 107 13.33 1.72 9.44
CA CYS A 107 13.09 2.17 10.81
C CYS A 107 14.30 1.88 11.69
N THR A 108 14.57 2.78 12.63
CA THR A 108 15.69 2.62 13.54
C THR A 108 15.28 2.94 14.99
N THR A 109 15.81 2.16 15.92
CA THR A 109 15.50 2.36 17.34
C THR A 109 16.52 1.68 18.23
N LYS A 110 17.26 2.48 19.00
CA LYS A 110 18.28 1.95 19.90
C LYS A 110 17.84 2.09 21.35
N VAL A 111 18.53 1.36 22.24
CA VAL A 111 18.21 1.40 23.66
C VAL A 111 16.72 1.15 23.89
N LYS A 112 16.34 -0.13 23.91
CA LYS A 112 14.95 -0.50 24.12
C LYS A 112 14.42 0.08 25.42
N ASN A 113 14.98 -0.36 26.54
CA ASN A 113 14.57 0.12 27.85
C ASN A 113 15.66 -0.11 28.89
N LYS A 114 16.61 0.81 28.96
CA LYS A 114 17.71 0.72 29.92
C LYS A 114 17.33 1.35 31.25
N PRO A 115 18.07 0.97 32.31
CA PRO A 115 17.84 1.50 33.65
C PRO A 115 18.21 2.97 33.79
N LYS A 116 17.28 3.77 34.27
CA LYS A 116 17.52 5.21 34.45
C LYS A 116 16.66 5.76 35.58
N GLY A 117 17.33 6.24 36.63
CA GLY A 117 16.63 6.80 37.78
C GLY A 117 16.01 5.72 38.65
N LYS A 118 15.88 6.02 39.93
CA LYS A 118 15.31 5.07 40.89
C LYS A 118 14.15 5.70 41.64
N LYS A 119 14.40 6.85 42.26
CA LYS A 119 13.38 7.57 43.02
C LYS A 119 13.77 9.03 43.23
N GLY A 120 13.97 9.73 42.12
CA GLY A 120 14.34 11.13 42.20
C GLY A 120 15.67 11.35 42.90
N LYS A 121 16.65 10.54 42.54
CA LYS A 121 17.98 10.64 43.14
C LYS A 121 18.99 11.17 42.13
N GLY A 122 20.19 11.50 42.61
CA GLY A 122 21.23 12.02 41.74
C GLY A 122 22.47 12.43 42.50
N LYS A 123 22.33 13.42 43.37
CA LYS A 123 23.45 13.92 44.17
C LYS A 123 24.54 14.47 43.27
N GLY A 124 25.60 15.00 43.89
CA GLY A 124 26.70 15.55 43.13
C GLY A 124 27.70 16.28 44.01
N ASN A 125 28.51 17.13 43.39
CA ASN A 125 29.52 17.90 44.12
C ASN A 125 29.09 19.35 44.28
N GLY A 1 -2.65 11.81 -31.09
CA GLY A 1 -1.48 10.95 -31.12
C GLY A 1 -0.27 11.63 -31.72
N SER A 2 0.92 11.25 -31.25
CA SER A 2 2.16 11.85 -31.73
C SER A 2 3.12 10.77 -32.25
N LYS A 3 3.14 9.64 -31.54
CA LYS A 3 4.01 8.52 -31.91
C LYS A 3 3.58 7.24 -31.21
N ASN A 4 3.89 6.10 -31.82
CA ASN A 4 3.55 4.81 -31.25
C ASN A 4 4.75 3.86 -31.27
N LYS A 5 5.19 3.51 -32.47
CA LYS A 5 6.33 2.61 -32.62
C LYS A 5 6.06 1.26 -31.96
N LYS A 6 6.99 0.33 -32.13
CA LYS A 6 6.84 -1.01 -31.55
C LYS A 6 8.17 -1.76 -31.62
N GLU A 7 8.89 -1.61 -32.71
CA GLU A 7 10.17 -2.28 -32.90
C GLU A 7 10.00 -3.80 -32.80
N LYS A 8 11.13 -4.50 -32.81
CA LYS A 8 11.12 -5.96 -32.73
C LYS A 8 12.49 -6.50 -32.34
N ASN A 9 12.50 -7.53 -31.49
CA ASN A 9 13.74 -8.13 -31.04
C ASN A 9 13.47 -9.40 -30.24
N LYS A 10 13.53 -10.54 -30.92
CA LYS A 10 13.29 -11.83 -30.27
C LYS A 10 13.66 -12.99 -31.19
N GLY A 11 13.99 -14.13 -30.59
CA GLY A 11 14.36 -15.29 -31.38
C GLY A 11 14.00 -16.59 -30.70
N GLY A 12 13.71 -17.62 -31.49
CA GLY A 12 13.34 -18.91 -30.94
C GLY A 12 13.04 -19.93 -32.01
N LYS A 13 12.90 -21.19 -31.60
CA LYS A 13 12.61 -22.27 -32.54
C LYS A 13 12.20 -23.54 -31.79
N GLY A 14 11.56 -24.46 -32.51
CA GLY A 14 11.12 -25.70 -31.90
C GLY A 14 9.73 -26.10 -32.36
N GLY A 15 9.06 -26.90 -31.54
CA GLY A 15 7.72 -27.35 -31.88
C GLY A 15 6.64 -26.59 -31.13
N ALA A 16 6.36 -27.02 -29.90
CA ALA A 16 5.35 -26.37 -29.08
C ALA A 16 5.74 -24.93 -28.76
N ASP A 17 4.75 -24.04 -28.73
CA ASP A 17 4.99 -22.64 -28.44
C ASP A 17 5.90 -22.01 -29.50
N CYS A 18 5.88 -20.68 -29.57
CA CYS A 18 6.70 -19.96 -30.53
C CYS A 18 7.71 -19.05 -29.82
N ALA A 19 7.51 -18.86 -28.52
CA ALA A 19 8.40 -18.02 -27.73
C ALA A 19 8.33 -16.57 -28.18
N GLU A 20 7.32 -16.25 -28.99
CA GLU A 20 7.14 -14.90 -29.49
C GLU A 20 5.86 -14.77 -30.31
N TRP A 21 4.74 -15.08 -29.68
CA TRP A 21 3.44 -15.01 -30.34
C TRP A 21 2.99 -13.56 -30.52
N LEU A 22 2.65 -13.20 -31.75
CA LEU A 22 2.21 -11.84 -32.05
C LEU A 22 0.70 -11.80 -32.26
N TYR A 23 -0.01 -11.19 -31.32
CA TYR A 23 -1.46 -11.08 -31.41
C TYR A 23 -1.87 -9.70 -31.90
N GLY A 24 -3.14 -9.57 -32.27
CA GLY A 24 -3.64 -8.30 -32.75
C GLY A 24 -4.72 -7.72 -31.86
N SER A 25 -5.98 -8.00 -32.19
CA SER A 25 -7.11 -7.50 -31.41
C SER A 25 -7.84 -8.65 -30.72
N CYS A 26 -8.72 -8.31 -29.78
CA CYS A 26 -9.49 -9.29 -29.05
C CYS A 26 -10.91 -9.39 -29.58
N VAL A 27 -11.33 -10.61 -29.93
CA VAL A 27 -12.67 -10.83 -30.46
C VAL A 27 -13.60 -11.38 -29.37
N ALA A 28 -14.76 -10.76 -29.24
CA ALA A 28 -15.74 -11.19 -28.24
C ALA A 28 -16.31 -12.56 -28.59
N ASN A 29 -16.73 -13.30 -27.57
CA ASN A 29 -17.29 -14.62 -27.77
C ASN A 29 -18.39 -14.60 -28.83
N ASN A 30 -19.41 -13.77 -28.61
CA ASN A 30 -20.51 -13.65 -29.54
C ASN A 30 -21.25 -12.33 -29.35
N GLY A 31 -21.44 -11.94 -28.09
CA GLY A 31 -22.12 -10.70 -27.79
C GLY A 31 -21.34 -9.48 -28.22
N ASP A 32 -21.39 -8.42 -27.41
CA ASP A 32 -20.68 -7.19 -27.73
C ASP A 32 -19.38 -7.09 -26.92
N CYS A 33 -19.48 -7.33 -25.62
CA CYS A 33 -18.32 -7.27 -24.75
C CYS A 33 -18.37 -8.37 -23.69
N GLY A 34 -17.20 -8.84 -23.27
CA GLY A 34 -17.14 -9.88 -22.28
C GLY A 34 -16.18 -11.00 -22.66
N GLN A 35 -16.24 -12.11 -21.93
CA GLN A 35 -15.37 -13.25 -22.20
C GLN A 35 -15.46 -13.66 -23.67
N GLY A 36 -14.33 -13.60 -24.35
CA GLY A 36 -14.29 -13.96 -25.76
C GLY A 36 -13.09 -14.82 -26.11
N MET A 37 -12.53 -14.60 -27.29
CA MET A 37 -11.37 -15.36 -27.75
C MET A 37 -10.36 -14.46 -28.43
N ARG A 38 -9.14 -14.95 -28.60
CA ARG A 38 -8.08 -14.18 -29.25
C ARG A 38 -7.29 -15.07 -30.22
N GLU A 39 -6.80 -14.45 -31.29
CA GLU A 39 -6.03 -15.17 -32.29
C GLU A 39 -4.62 -14.59 -32.41
N GLY A 40 -3.63 -15.41 -32.09
CA GLY A 40 -2.25 -14.97 -32.17
C GLY A 40 -1.51 -15.57 -33.34
N THR A 41 -0.70 -14.77 -34.02
CA THR A 41 0.06 -15.23 -35.17
C THR A 41 1.55 -15.01 -34.96
N CYS A 42 2.34 -16.06 -35.19
CA CYS A 42 3.78 -16.00 -35.03
C CYS A 42 4.50 -16.46 -36.30
N ASN A 43 5.14 -15.52 -36.97
CA ASN A 43 5.87 -15.82 -38.20
C ASN A 43 4.91 -16.30 -39.29
N GLU A 44 4.57 -17.58 -39.26
CA GLU A 44 3.67 -18.16 -40.24
C GLU A 44 2.76 -19.21 -39.59
N GLN A 45 2.46 -19.00 -38.31
CA GLN A 45 1.60 -19.93 -37.58
C GLN A 45 0.54 -19.16 -36.79
N THR A 46 -0.47 -19.88 -36.32
CA THR A 46 -1.55 -19.26 -35.54
C THR A 46 -1.89 -20.11 -34.32
N ARG A 47 -2.09 -19.45 -33.18
CA ARG A 47 -2.41 -20.13 -31.94
C ARG A 47 -3.69 -19.55 -31.32
N LYS A 48 -4.20 -20.23 -30.31
CA LYS A 48 -5.42 -19.79 -29.63
C LYS A 48 -5.09 -19.18 -28.26
N VAL A 49 -5.76 -18.09 -27.93
CA VAL A 49 -5.54 -17.42 -26.66
C VAL A 49 -6.83 -16.83 -26.11
N LYS A 50 -6.98 -16.85 -24.79
CA LYS A 50 -8.18 -16.31 -24.14
C LYS A 50 -8.01 -14.84 -23.83
N CYS A 51 -8.96 -14.03 -24.28
CA CYS A 51 -8.91 -12.59 -24.04
C CYS A 51 -10.26 -12.07 -23.57
N ARG A 52 -10.25 -10.93 -22.89
CA ARG A 52 -11.48 -10.33 -22.38
C ARG A 52 -11.74 -8.98 -23.05
N VAL A 53 -12.95 -8.81 -23.58
CA VAL A 53 -13.33 -7.58 -24.24
C VAL A 53 -14.44 -6.85 -23.48
N PRO A 54 -14.07 -6.30 -22.30
CA PRO A 54 -15.02 -5.57 -21.45
C PRO A 54 -15.44 -4.24 -22.06
N CYS A 55 -16.65 -3.80 -21.72
CA CYS A 55 -17.18 -2.54 -22.23
C CYS A 55 -16.66 -1.36 -21.42
N ASN A 56 -16.24 -0.31 -22.11
CA ASN A 56 -15.72 0.88 -21.45
C ASN A 56 -14.43 0.57 -20.69
N TRP A 57 -13.40 0.17 -21.43
CA TRP A 57 -12.11 -0.16 -20.83
C TRP A 57 -10.97 0.46 -21.63
N LYS A 58 -9.97 0.97 -20.92
CA LYS A 58 -8.82 1.59 -21.56
C LYS A 58 -7.69 1.78 -20.56
N LYS A 59 -7.59 0.87 -19.60
CA LYS A 59 -6.54 0.94 -18.58
C LYS A 59 -6.65 -0.23 -17.61
N GLU A 60 -5.51 -0.77 -17.20
CA GLU A 60 -5.48 -1.88 -16.26
C GLU A 60 -4.05 -2.25 -15.90
N PHE A 61 -3.81 -2.51 -14.62
CA PHE A 61 -2.48 -2.87 -14.13
C PHE A 61 -2.51 -4.21 -13.41
N GLY A 62 -3.15 -4.24 -12.24
CA GLY A 62 -3.25 -5.46 -11.47
C GLY A 62 -1.89 -6.09 -11.23
N ALA A 63 -1.13 -5.54 -10.29
CA ALA A 63 0.18 -6.05 -9.96
C ALA A 63 0.42 -6.04 -8.45
N ASP A 64 1.67 -6.29 -8.05
CA ASP A 64 2.03 -6.29 -6.63
C ASP A 64 1.10 -7.21 -5.85
N CYS A 65 1.17 -7.13 -4.52
CA CYS A 65 0.34 -7.94 -3.65
C CYS A 65 0.06 -7.23 -2.33
N LYS A 66 -1.19 -7.22 -1.92
CA LYS A 66 -1.59 -6.57 -0.67
C LYS A 66 -1.69 -7.59 0.46
N TYR A 67 -1.22 -7.19 1.65
CA TYR A 67 -1.25 -8.07 2.81
C TYR A 67 -1.81 -7.35 4.03
N LYS A 68 -2.16 -8.10 5.06
CA LYS A 68 -2.71 -7.54 6.28
C LYS A 68 -1.65 -7.47 7.37
N PHE A 69 -1.04 -6.29 7.53
CA PHE A 69 -0.01 -6.08 8.53
C PHE A 69 -0.63 -5.64 9.86
N GLY A 70 -0.15 -6.23 10.95
CA GLY A 70 -0.66 -5.88 12.27
C GLY A 70 0.36 -5.17 13.12
N ASN A 71 0.64 -3.91 12.79
CA ASN A 71 1.62 -3.12 13.53
C ASN A 71 3.02 -3.68 13.36
N TRP A 72 3.95 -2.82 12.96
CA TRP A 72 5.34 -3.23 12.75
C TRP A 72 5.99 -3.62 14.07
N GLY A 73 6.95 -4.54 14.00
CA GLY A 73 7.63 -4.98 15.20
C GLY A 73 8.41 -3.87 15.88
N GLU A 74 9.37 -4.24 16.71
CA GLU A 74 10.19 -3.26 17.42
C GLU A 74 11.29 -2.71 16.50
N CYS A 75 11.57 -1.43 16.64
CA CYS A 75 12.59 -0.77 15.83
C CYS A 75 13.97 -0.95 16.46
N ASP A 76 14.90 -1.50 15.68
CA ASP A 76 16.26 -1.72 16.17
C ASP A 76 17.21 -0.64 15.65
N ALA A 77 17.52 0.32 16.51
CA ALA A 77 18.42 1.42 16.14
C ALA A 77 19.81 0.90 15.80
N ALA A 78 20.09 -0.34 16.20
CA ALA A 78 21.38 -0.95 15.93
C ALA A 78 21.51 -1.33 14.45
N THR A 79 20.37 -1.53 13.79
CA THR A 79 20.36 -1.90 12.38
C THR A 79 19.57 -0.88 11.55
N SER A 80 18.92 0.05 12.25
CA SER A 80 18.13 1.07 11.58
C SER A 80 17.10 0.44 10.63
N THR A 81 16.69 -0.77 10.95
CA THR A 81 15.72 -1.50 10.14
C THR A 81 14.89 -2.45 10.99
N LYS A 82 13.61 -2.59 10.64
CA LYS A 82 12.71 -3.48 11.36
C LYS A 82 12.11 -4.53 10.44
N SER A 83 11.81 -5.69 11.00
CA SER A 83 11.23 -6.78 10.21
C SER A 83 9.84 -7.15 10.73
N ARG A 84 8.99 -7.64 9.84
CA ARG A 84 7.64 -8.03 10.21
C ARG A 84 7.09 -9.08 9.25
N THR A 85 5.92 -9.63 9.57
CA THR A 85 5.30 -10.64 8.74
C THR A 85 3.83 -10.32 8.48
N GLY A 86 3.40 -10.46 7.24
CA GLY A 86 2.01 -10.17 6.89
C GLY A 86 1.30 -11.39 6.34
N THR A 87 0.03 -11.55 6.71
CA THR A 87 -0.76 -12.68 6.24
C THR A 87 -1.51 -12.34 4.95
N LEU A 88 -1.65 -13.33 4.08
CA LEU A 88 -2.34 -13.13 2.80
C LEU A 88 -3.85 -13.30 2.98
N GLN A 89 -4.61 -12.47 2.26
CA GLN A 89 -6.06 -12.53 2.33
C GLN A 89 -6.70 -11.58 1.32
N LYS A 90 -6.06 -10.43 1.12
CA LYS A 90 -6.56 -9.43 0.17
C LYS A 90 -6.32 -9.88 -1.26
N ALA A 91 -7.39 -9.92 -2.06
CA ALA A 91 -7.30 -10.33 -3.45
C ALA A 91 -8.25 -9.52 -4.32
N LEU A 92 -7.69 -8.74 -5.24
CA LEU A 92 -8.49 -7.92 -6.14
C LEU A 92 -8.27 -8.32 -7.60
N PHE A 93 -7.07 -8.81 -7.90
CA PHE A 93 -6.73 -9.23 -9.25
C PHE A 93 -6.18 -10.66 -9.25
N ASN A 94 -6.44 -11.39 -10.33
CA ASN A 94 -5.97 -12.76 -10.46
C ASN A 94 -4.46 -12.84 -10.25
N VAL A 95 -4.05 -13.36 -9.10
CA VAL A 95 -2.63 -13.50 -8.78
C VAL A 95 -2.41 -14.47 -7.62
N GLU A 96 -1.42 -15.34 -7.78
CA GLU A 96 -1.12 -16.32 -6.74
C GLU A 96 0.02 -15.83 -5.84
N CYS A 97 -0.29 -15.58 -4.58
CA CYS A 97 0.71 -15.11 -3.62
C CYS A 97 0.90 -16.12 -2.51
N GLN A 98 2.05 -16.04 -1.84
CA GLN A 98 2.37 -16.95 -0.74
C GLN A 98 1.49 -16.65 0.47
N GLN A 99 1.26 -17.69 1.29
CA GLN A 99 0.44 -17.53 2.49
C GLN A 99 0.98 -16.41 3.37
N THR A 100 2.21 -16.57 3.84
CA THR A 100 2.83 -15.57 4.70
C THR A 100 4.06 -14.97 4.03
N VAL A 101 4.34 -13.70 4.35
CA VAL A 101 5.49 -13.02 3.77
C VAL A 101 6.08 -12.03 4.77
N SER A 102 7.39 -11.85 4.72
CA SER A 102 8.08 -10.94 5.62
C SER A 102 8.25 -9.57 4.97
N VAL A 103 8.45 -8.55 5.80
CA VAL A 103 8.63 -7.18 5.31
C VAL A 103 9.77 -6.49 6.03
N THR A 104 10.24 -5.38 5.46
CA THR A 104 11.34 -4.62 6.05
C THR A 104 11.08 -3.12 5.95
N LYS A 105 11.51 -2.37 6.96
CA LYS A 105 11.33 -0.93 6.98
C LYS A 105 12.45 -0.25 7.76
N PRO A 106 13.03 0.81 7.18
CA PRO A 106 14.12 1.57 7.79
C PRO A 106 13.64 2.36 9.02
N CYS A 107 14.00 1.88 10.20
CA CYS A 107 13.62 2.55 11.45
C CYS A 107 14.69 2.36 12.51
N THR A 108 14.87 3.39 13.34
CA THR A 108 15.87 3.35 14.40
C THR A 108 15.31 3.89 15.70
N THR A 109 15.33 3.06 16.75
CA THR A 109 14.82 3.46 18.05
C THR A 109 15.52 4.72 18.55
N LYS A 110 14.92 5.37 19.54
CA LYS A 110 15.48 6.59 20.12
C LYS A 110 15.97 6.34 21.54
N VAL A 111 16.65 7.34 22.11
CA VAL A 111 17.15 7.23 23.47
C VAL A 111 17.96 5.96 23.65
N LYS A 112 19.22 5.99 23.23
CA LYS A 112 20.10 4.83 23.36
C LYS A 112 20.44 4.55 24.82
N ASN A 113 21.27 5.42 25.40
CA ASN A 113 21.67 5.27 26.79
C ASN A 113 22.55 6.44 27.24
N LYS A 114 22.95 6.42 28.51
CA LYS A 114 23.80 7.48 29.05
C LYS A 114 25.27 7.13 28.89
N PRO A 115 26.13 8.15 28.97
CA PRO A 115 27.58 7.98 28.85
C PRO A 115 28.19 7.24 30.04
N LYS A 116 28.53 7.99 31.08
CA LYS A 116 29.11 7.41 32.28
C LYS A 116 30.31 6.54 31.93
N GLY A 117 30.81 5.79 32.92
CA GLY A 117 31.94 4.92 32.69
C GLY A 117 33.22 5.70 32.45
N LYS A 118 34.24 5.44 33.26
CA LYS A 118 35.52 6.12 33.12
C LYS A 118 36.65 5.12 32.86
N LYS A 119 37.85 5.63 32.65
CA LYS A 119 39.01 4.78 32.41
C LYS A 119 39.21 3.78 33.54
N GLY A 120 38.75 4.15 34.73
CA GLY A 120 38.89 3.28 35.88
C GLY A 120 38.34 3.90 37.15
N LYS A 121 37.06 4.24 37.13
CA LYS A 121 36.42 4.85 38.29
C LYS A 121 36.51 3.95 39.51
N GLY A 122 37.42 4.27 40.42
CA GLY A 122 37.59 3.47 41.62
C GLY A 122 38.92 3.74 42.31
N LYS A 123 38.98 4.83 43.05
CA LYS A 123 40.20 5.21 43.77
C LYS A 123 39.88 6.09 44.96
N GLY A 124 40.52 5.82 46.09
CA GLY A 124 40.30 6.60 47.29
C GLY A 124 41.08 6.08 48.48
N ASN A 125 41.15 6.89 49.53
CA ASN A 125 41.87 6.51 50.74
C ASN A 125 40.91 6.11 51.86
#